data_4NHE
#
_entry.id   4NHE
#
_cell.length_a   97.768
_cell.length_b   195.905
_cell.length_c   349.301
_cell.angle_alpha   90.00
_cell.angle_beta   90.00
_cell.angle_gamma   90.00
#
_symmetry.space_group_name_H-M   'F 2 2 2'
#
loop_
_entity.id
_entity.type
_entity.pdbx_description
1 polymer 'Oxidoreductase, Gfo/Idh/MocA family'
2 non-polymer 'NADP NICOTINAMIDE-ADENINE-DINUCLEOTIDE PHOSPHATE'
3 non-polymer 'FORMIC ACID'
4 non-polymer GLYCEROL
5 non-polymer 'ACETATE ION'
6 water water
#
_entity_poly.entity_id   1
_entity_poly.type   'polypeptide(L)'
_entity_poly.pdbx_seq_one_letter_code
;SNAMLKLGVIGTGAISHHFIEAAHTSGEYQLVAIYSRKLETAATFASRYQNIQLFDQLEVFFKSSFDLVYIASPNSLHFA
QAKAALSAGKHVILEKPAVSQPQEWFDLIQTAEKNNCFIFEAARNYHEKAFTTIKNFLADKQVLGADFNYAKYSSKMPDL
LAGQTPNVFSDRFAGGALMDLGIYPLYAAVRLFGKANDATYHAQQLDNSIDLNGDGILFYPDYQVHIKAGKNITSNLPCE
IYTTDGTLTLNTIEHIRSAIFTDHQGNQVQLPIQQAPHTMTEEVAAFAHMIQQPDLNLYQTWLYDAGSVHELLYTMRQTA
GIRFEAEK
;
_entity_poly.pdbx_strand_id   A,B,C
#
loop_
_chem_comp.id
_chem_comp.type
_chem_comp.name
_chem_comp.formula
ACT non-polymer 'ACETATE ION' 'C2 H3 O2 -1'
FMT non-polymer 'FORMIC ACID' 'C H2 O2'
GOL non-polymer GLYCEROL 'C3 H8 O3'
NAP non-polymer 'NADP NICOTINAMIDE-ADENINE-DINUCLEOTIDE PHOSPHATE' 'C21 H28 N7 O17 P3'
#
# COMPACT_ATOMS: atom_id res chain seq x y z
N MET A 4 35.11 27.55 -39.31
CA MET A 4 33.64 27.52 -39.38
C MET A 4 33.14 26.15 -39.80
N LEU A 5 32.41 25.47 -38.91
CA LEU A 5 31.97 24.09 -39.14
C LEU A 5 30.78 23.92 -40.09
N LYS A 6 30.98 23.11 -41.14
CA LYS A 6 29.91 22.82 -42.10
C LYS A 6 28.98 21.72 -41.56
N LEU A 7 27.72 22.09 -41.34
CA LEU A 7 26.75 21.23 -40.64
C LEU A 7 25.77 20.50 -41.57
N GLY A 8 25.76 19.18 -41.48
CA GLY A 8 24.74 18.36 -42.11
C GLY A 8 23.77 17.93 -41.02
N VAL A 9 22.52 17.67 -41.38
CA VAL A 9 21.52 17.31 -40.37
C VAL A 9 20.62 16.14 -40.82
N ILE A 10 20.37 15.20 -39.90
CA ILE A 10 19.42 14.12 -40.12
C ILE A 10 18.29 14.24 -39.10
N GLY A 11 17.05 14.17 -39.57
CA GLY A 11 15.88 14.35 -38.71
C GLY A 11 15.29 15.74 -38.91
N THR A 12 14.02 15.80 -39.29
CA THR A 12 13.37 17.08 -39.55
C THR A 12 12.38 17.45 -38.44
N GLY A 13 12.67 17.00 -37.22
CA GLY A 13 11.85 17.34 -36.07
C GLY A 13 12.14 18.74 -35.54
N ALA A 14 11.28 19.22 -34.66
CA ALA A 14 11.46 20.53 -34.06
C ALA A 14 12.83 20.64 -33.35
N ILE A 15 13.28 19.55 -32.75
CA ILE A 15 14.58 19.52 -32.08
C ILE A 15 15.73 19.89 -33.04
N SER A 16 15.62 19.45 -34.29
CA SER A 16 16.64 19.80 -35.28
C SER A 16 16.65 21.31 -35.53
N HIS A 17 15.47 21.91 -35.58
CA HIS A 17 15.37 23.37 -35.68
C HIS A 17 16.05 24.03 -34.48
N HIS A 18 15.78 23.53 -33.27
CA HIS A 18 16.37 24.08 -32.06
C HIS A 18 17.89 23.98 -32.06
N PHE A 19 18.42 22.82 -32.45
CA PHE A 19 19.85 22.64 -32.53
C PHE A 19 20.51 23.60 -33.53
N ILE A 20 19.98 23.62 -34.75
CA ILE A 20 20.50 24.48 -35.81
C ILE A 20 20.52 25.93 -35.37
N GLU A 21 19.43 26.35 -34.73
CA GLU A 21 19.29 27.70 -34.20
C GLU A 21 20.35 28.05 -33.16
N ALA A 22 20.69 27.09 -32.30
CA ALA A 22 21.77 27.29 -31.32
C ALA A 22 23.14 27.25 -32.00
N ALA A 23 23.30 26.36 -32.97
CA ALA A 23 24.54 26.22 -33.75
C ALA A 23 24.86 27.49 -34.54
N HIS A 24 23.86 28.05 -35.19
CA HIS A 24 24.05 29.28 -35.94
C HIS A 24 24.37 30.44 -35.00
N THR A 25 23.71 30.46 -33.85
CA THR A 25 23.86 31.58 -32.91
C THR A 25 25.25 31.62 -32.26
N SER A 26 25.83 30.44 -32.03
CA SER A 26 27.18 30.34 -31.48
C SER A 26 28.22 30.99 -32.39
N GLY A 27 27.94 31.03 -33.68
CA GLY A 27 28.84 31.62 -34.65
C GLY A 27 29.97 30.67 -35.05
N GLU A 28 29.71 29.37 -34.88
CA GLU A 28 30.76 28.36 -35.06
C GLU A 28 30.35 27.28 -36.05
N TYR A 29 29.07 27.27 -36.42
CA TYR A 29 28.54 26.32 -37.39
C TYR A 29 27.84 27.05 -38.52
N GLN A 30 27.74 26.39 -39.67
CA GLN A 30 26.86 26.85 -40.75
C GLN A 30 26.18 25.64 -41.39
N LEU A 31 24.85 25.62 -41.33
CA LEU A 31 24.07 24.56 -41.96
C LEU A 31 24.28 24.60 -43.47
N VAL A 32 24.51 23.43 -44.06
CA VAL A 32 24.74 23.35 -45.50
C VAL A 32 23.97 22.21 -46.15
N ALA A 33 23.49 21.25 -45.35
CA ALA A 33 22.89 20.05 -45.93
C ALA A 33 21.88 19.36 -45.03
N ILE A 34 20.80 18.87 -45.66
CA ILE A 34 19.74 18.18 -44.95
C ILE A 34 19.36 16.86 -45.62
N TYR A 35 19.27 15.79 -44.82
CA TYR A 35 18.75 14.51 -45.29
C TYR A 35 17.35 14.30 -44.78
N SER A 36 16.50 13.70 -45.61
CA SER A 36 15.18 13.26 -45.17
C SER A 36 14.75 12.06 -45.98
N ARG A 37 13.83 11.28 -45.44
CA ARG A 37 13.27 10.15 -46.20
C ARG A 37 12.55 10.64 -47.45
N LYS A 38 12.05 11.87 -47.39
CA LYS A 38 11.39 12.50 -48.53
C LYS A 38 11.94 13.89 -48.84
N LEU A 39 12.19 14.17 -50.11
CA LEU A 39 12.71 15.46 -50.50
C LEU A 39 11.80 16.61 -50.06
N GLU A 40 10.49 16.42 -50.22
CA GLU A 40 9.53 17.45 -49.81
C GLU A 40 9.57 17.78 -48.31
N THR A 41 9.83 16.77 -47.47
CA THR A 41 9.93 17.03 -46.03
C THR A 41 11.20 17.80 -45.71
N ALA A 42 12.29 17.44 -46.38
CA ALA A 42 13.53 18.18 -46.27
C ALA A 42 13.33 19.63 -46.72
N ALA A 43 12.62 19.81 -47.83
CA ALA A 43 12.38 21.14 -48.39
C ALA A 43 11.57 22.01 -47.44
N THR A 44 10.50 21.44 -46.88
CA THR A 44 9.65 22.16 -45.93
C THR A 44 10.48 22.58 -44.72
N PHE A 45 11.35 21.69 -44.26
CA PHE A 45 12.21 21.96 -43.14
C PHE A 45 13.24 23.04 -43.49
N ALA A 46 13.82 22.94 -44.67
CA ALA A 46 14.94 23.80 -45.05
C ALA A 46 14.52 25.19 -45.51
N SER A 47 13.23 25.37 -45.78
CA SER A 47 12.76 26.58 -46.46
C SER A 47 13.10 27.87 -45.70
N ARG A 48 13.17 27.77 -44.37
CA ARG A 48 13.47 28.92 -43.53
C ARG A 48 14.95 29.29 -43.59
N TYR A 49 15.76 28.38 -44.10
CA TYR A 49 17.20 28.63 -44.24
C TYR A 49 17.54 29.01 -45.68
N GLN A 50 18.80 29.35 -45.93
CA GLN A 50 19.21 29.80 -47.26
C GLN A 50 20.31 28.91 -47.82
N ASN A 51 20.16 28.54 -49.09
CA ASN A 51 21.13 27.71 -49.80
C ASN A 51 21.50 26.44 -49.02
N ILE A 52 20.58 25.49 -48.99
CA ILE A 52 20.82 24.21 -48.31
C ILE A 52 20.63 23.06 -49.30
N GLN A 53 21.66 22.23 -49.46
CA GLN A 53 21.55 21.06 -50.32
C GLN A 53 20.61 20.05 -49.67
N LEU A 54 19.80 19.39 -50.48
CA LEU A 54 18.82 18.45 -49.97
C LEU A 54 19.13 17.03 -50.41
N PHE A 55 18.80 16.06 -49.59
CA PHE A 55 19.12 14.67 -49.87
C PHE A 55 18.00 13.74 -49.42
N ASP A 56 17.67 12.75 -50.24
CA ASP A 56 16.80 11.67 -49.78
C ASP A 56 17.51 10.33 -49.91
N GLN A 57 18.83 10.41 -50.01
CA GLN A 57 19.69 9.23 -50.04
C GLN A 57 20.88 9.42 -49.11
N LEU A 58 20.90 8.62 -48.04
CA LEU A 58 21.95 8.69 -47.03
C LEU A 58 23.33 8.48 -47.63
N GLU A 59 23.43 7.58 -48.60
CA GLU A 59 24.69 7.32 -49.28
C GLU A 59 25.23 8.57 -49.97
N VAL A 60 24.33 9.28 -50.65
CA VAL A 60 24.69 10.51 -51.34
C VAL A 60 24.95 11.63 -50.35
N PHE A 61 24.16 11.67 -49.29
CA PHE A 61 24.29 12.65 -48.23
C PHE A 61 25.70 12.64 -47.63
N PHE A 62 26.16 11.44 -47.28
CA PHE A 62 27.47 11.27 -46.64
C PHE A 62 28.64 11.51 -47.58
N LYS A 63 28.40 11.45 -48.88
CA LYS A 63 29.43 11.70 -49.87
C LYS A 63 29.61 13.20 -50.11
N SER A 64 28.69 14.01 -49.58
CA SER A 64 28.79 15.45 -49.70
C SER A 64 29.91 16.03 -48.84
N SER A 65 30.18 17.33 -49.03
CA SER A 65 31.20 18.01 -48.25
C SER A 65 30.58 18.75 -47.07
N PHE A 66 30.64 18.13 -45.91
CA PHE A 66 30.41 18.82 -44.65
C PHE A 66 31.35 18.22 -43.61
N ASP A 67 31.46 18.84 -42.44
CA ASP A 67 32.43 18.40 -41.46
C ASP A 67 31.78 17.52 -40.41
N LEU A 68 30.55 17.89 -40.07
CA LEU A 68 29.88 17.39 -38.89
C LEU A 68 28.42 17.13 -39.24
N VAL A 69 27.87 16.04 -38.72
CA VAL A 69 26.44 15.80 -38.87
C VAL A 69 25.74 15.64 -37.50
N TYR A 70 24.67 16.40 -37.32
CA TYR A 70 23.81 16.25 -36.17
C TYR A 70 22.74 15.23 -36.52
N ILE A 71 22.62 14.19 -35.71
CA ILE A 71 21.65 13.12 -35.99
C ILE A 71 20.53 13.11 -34.95
N ALA A 72 19.33 13.46 -35.39
CA ALA A 72 18.17 13.46 -34.51
C ALA A 72 17.03 12.64 -35.12
N SER A 73 17.39 11.46 -35.62
CA SER A 73 16.43 10.47 -36.08
C SER A 73 15.84 9.75 -34.86
N PRO A 74 14.91 8.80 -35.05
CA PRO A 74 14.45 8.02 -33.87
C PRO A 74 15.57 7.22 -33.19
N ASN A 75 15.42 6.92 -31.90
CA ASN A 75 16.46 6.26 -31.12
C ASN A 75 17.05 5.00 -31.77
N SER A 76 16.17 4.15 -32.27
CA SER A 76 16.58 2.87 -32.85
C SER A 76 17.48 3.01 -34.09
N LEU A 77 17.44 4.18 -34.72
CA LEU A 77 18.22 4.42 -35.95
C LEU A 77 19.56 5.13 -35.71
N HIS A 78 19.80 5.58 -34.48
CA HIS A 78 20.99 6.35 -34.17
C HIS A 78 22.28 5.59 -34.50
N PHE A 79 22.38 4.35 -34.03
CA PHE A 79 23.60 3.57 -34.19
C PHE A 79 24.02 3.42 -35.65
N ALA A 80 23.12 2.90 -36.47
CA ALA A 80 23.46 2.59 -37.85
C ALA A 80 23.83 3.85 -38.65
N GLN A 81 23.06 4.92 -38.44
CA GLN A 81 23.32 6.18 -39.12
C GLN A 81 24.62 6.82 -38.65
N ALA A 82 24.86 6.81 -37.34
CA ALA A 82 26.12 7.36 -36.82
C ALA A 82 27.33 6.56 -37.31
N LYS A 83 27.19 5.24 -37.43
CA LYS A 83 28.30 4.39 -37.84
C LYS A 83 28.66 4.66 -39.29
N ALA A 84 27.64 4.88 -40.11
CA ALA A 84 27.85 5.21 -41.51
C ALA A 84 28.47 6.60 -41.64
N ALA A 85 28.06 7.51 -40.75
CA ALA A 85 28.58 8.87 -40.76
C ALA A 85 30.08 8.88 -40.46
N LEU A 86 30.47 8.17 -39.40
CA LEU A 86 31.87 8.03 -39.05
C LEU A 86 32.69 7.35 -40.14
N SER A 87 32.12 6.31 -40.76
CA SER A 87 32.81 5.59 -41.83
C SER A 87 33.06 6.51 -43.01
N ALA A 88 32.22 7.53 -43.17
CA ALA A 88 32.36 8.49 -44.25
C ALA A 88 33.14 9.71 -43.78
N GLY A 89 33.86 9.57 -42.67
CA GLY A 89 34.75 10.62 -42.18
C GLY A 89 34.05 11.89 -41.74
N LYS A 90 32.89 11.74 -41.12
CA LYS A 90 32.17 12.89 -40.60
C LYS A 90 32.18 12.88 -39.08
N HIS A 91 32.26 14.06 -38.48
CA HIS A 91 32.08 14.16 -37.04
C HIS A 91 30.60 13.95 -36.75
N VAL A 92 30.28 13.46 -35.57
CA VAL A 92 28.90 13.12 -35.25
C VAL A 92 28.49 13.71 -33.91
N ILE A 93 27.42 14.51 -33.92
CA ILE A 93 26.69 14.85 -32.70
C ILE A 93 25.43 14.00 -32.75
N LEU A 94 25.29 13.11 -31.76
CA LEU A 94 24.23 12.11 -31.76
C LEU A 94 23.23 12.37 -30.64
N GLU A 95 21.98 12.67 -30.98
CA GLU A 95 20.98 12.99 -29.95
C GLU A 95 20.83 11.90 -28.90
N LYS A 96 20.47 12.29 -27.68
CA LYS A 96 20.23 11.31 -26.64
C LYS A 96 18.91 10.62 -26.93
N PRO A 97 18.77 9.35 -26.51
CA PRO A 97 19.85 8.48 -26.05
C PRO A 97 20.64 8.06 -27.29
N ALA A 98 21.97 8.08 -27.19
CA ALA A 98 22.81 7.82 -28.36
C ALA A 98 22.63 6.43 -28.94
N VAL A 99 22.48 5.44 -28.06
CA VAL A 99 22.36 4.04 -28.49
C VAL A 99 21.27 3.31 -27.71
N SER A 100 20.94 2.10 -28.14
CA SER A 100 19.97 1.27 -27.42
C SER A 100 20.65 0.25 -26.50
N GLN A 101 21.97 0.08 -26.67
CA GLN A 101 22.77 -0.88 -25.89
C GLN A 101 24.20 -0.38 -25.75
N PRO A 102 24.83 -0.67 -24.60
CA PRO A 102 26.21 -0.20 -24.33
C PRO A 102 27.22 -0.66 -25.39
N GLN A 103 27.10 -1.89 -25.87
CA GLN A 103 28.06 -2.37 -26.87
C GLN A 103 28.07 -1.51 -28.14
N GLU A 104 26.90 -0.98 -28.51
CA GLU A 104 26.81 -0.10 -29.67
C GLU A 104 27.65 1.16 -29.50
N TRP A 105 27.67 1.69 -28.29
CA TRP A 105 28.48 2.87 -27.99
C TRP A 105 29.96 2.56 -28.14
N PHE A 106 30.39 1.41 -27.62
CA PHE A 106 31.79 1.02 -27.73
C PHE A 106 32.19 0.82 -29.19
N ASP A 107 31.28 0.29 -29.99
CA ASP A 107 31.54 0.08 -31.40
C ASP A 107 31.66 1.40 -32.14
N LEU A 108 30.83 2.37 -31.75
CA LEU A 108 30.88 3.71 -32.34
C LEU A 108 32.26 4.35 -32.10
N ILE A 109 32.71 4.31 -30.85
CA ILE A 109 34.04 4.80 -30.47
C ILE A 109 35.18 4.21 -31.30
N GLN A 110 35.14 2.90 -31.53
CA GLN A 110 36.18 2.24 -32.32
C GLN A 110 36.13 2.75 -33.75
N THR A 111 34.91 2.85 -34.27
CA THR A 111 34.69 3.31 -35.64
C THR A 111 35.18 4.75 -35.77
N ALA A 112 34.90 5.55 -34.75
CA ALA A 112 35.34 6.95 -34.70
C ALA A 112 36.87 7.07 -34.73
N GLU A 113 37.54 6.37 -33.83
CA GLU A 113 39.01 6.37 -33.77
C GLU A 113 39.65 5.97 -35.10
N LYS A 114 39.13 4.90 -35.69
CA LYS A 114 39.60 4.40 -36.98
C LYS A 114 39.59 5.50 -38.03
N ASN A 115 38.51 6.26 -38.06
CA ASN A 115 38.31 7.28 -39.08
C ASN A 115 38.72 8.68 -38.64
N ASN A 116 39.36 8.75 -37.47
CA ASN A 116 39.86 10.03 -36.94
C ASN A 116 38.78 11.10 -36.83
N CYS A 117 37.64 10.72 -36.28
CA CYS A 117 36.55 11.67 -36.05
C CYS A 117 36.09 11.63 -34.61
N PHE A 118 35.47 12.72 -34.18
CA PHE A 118 34.86 12.80 -32.87
C PHE A 118 33.42 12.30 -32.93
N ILE A 119 33.01 11.57 -31.92
CA ILE A 119 31.60 11.24 -31.72
C ILE A 119 31.21 11.81 -30.36
N PHE A 120 30.11 12.56 -30.33
CA PHE A 120 29.58 13.15 -29.10
C PHE A 120 28.12 12.78 -28.90
N GLU A 121 27.73 12.45 -27.67
CA GLU A 121 26.30 12.37 -27.38
C GLU A 121 25.81 13.77 -26.99
N ALA A 122 24.67 14.17 -27.55
CA ALA A 122 24.13 15.51 -27.27
C ALA A 122 23.43 15.52 -25.91
N ALA A 123 24.20 15.26 -24.86
CA ALA A 123 23.70 15.30 -23.49
C ALA A 123 23.73 16.75 -23.01
N ARG A 124 22.69 17.49 -23.35
CA ARG A 124 22.69 18.93 -23.14
C ARG A 124 22.87 19.36 -21.68
N ASN A 125 22.36 18.60 -20.73
CA ASN A 125 22.46 19.00 -19.33
C ASN A 125 23.88 18.82 -18.75
N TYR A 126 24.52 17.73 -19.17
CA TYR A 126 25.88 17.38 -18.78
C TYR A 126 26.89 18.51 -19.03
N HIS A 127 26.63 19.34 -20.04
CA HIS A 127 27.57 20.39 -20.43
C HIS A 127 27.25 21.75 -19.82
N GLU A 128 26.21 21.82 -19.00
CA GLU A 128 25.81 23.08 -18.39
C GLU A 128 26.84 23.53 -17.37
N LYS A 129 27.16 24.81 -17.39
CA LYS A 129 28.15 25.38 -16.48
C LYS A 129 27.73 25.18 -15.02
N ALA A 130 26.42 25.08 -14.79
CA ALA A 130 25.88 24.84 -13.46
C ALA A 130 26.55 23.65 -12.78
N PHE A 131 26.71 22.57 -13.54
CA PHE A 131 27.28 21.35 -12.98
C PHE A 131 28.73 21.51 -12.54
N THR A 132 29.49 22.34 -13.24
CA THR A 132 30.84 22.64 -12.78
C THR A 132 30.77 23.39 -11.45
N THR A 133 29.88 24.38 -11.39
CA THR A 133 29.65 25.14 -10.17
C THR A 133 29.20 24.23 -9.02
N ILE A 134 28.28 23.32 -9.31
CA ILE A 134 27.76 22.42 -8.28
C ILE A 134 28.82 21.43 -7.79
N LYS A 135 29.59 20.85 -8.71
CA LYS A 135 30.59 19.86 -8.34
C LYS A 135 31.70 20.48 -7.48
N ASN A 136 32.12 21.69 -7.86
CA ASN A 136 33.09 22.44 -7.07
C ASN A 136 32.58 22.67 -5.66
N PHE A 137 31.32 23.07 -5.55
CA PHE A 137 30.69 23.28 -4.26
C PHE A 137 30.69 22.04 -3.38
N LEU A 138 30.43 20.87 -3.97
CA LEU A 138 30.36 19.63 -3.21
C LEU A 138 31.73 18.99 -3.01
N ALA A 139 32.75 19.54 -3.65
CA ALA A 139 34.08 18.94 -3.62
C ALA A 139 34.59 18.71 -2.20
N ASP A 140 34.41 19.71 -1.34
CA ASP A 140 34.84 19.57 0.05
C ASP A 140 33.71 19.10 0.98
N LYS A 141 32.61 18.66 0.40
CA LYS A 141 31.50 18.15 1.21
C LYS A 141 31.42 16.63 1.08
N GLN A 142 30.70 15.99 2.00
CA GLN A 142 30.47 14.54 1.96
C GLN A 142 29.01 14.28 1.65
N VAL A 143 28.74 13.68 0.49
CA VAL A 143 27.39 13.43 -0.02
C VAL A 143 26.76 12.21 0.67
N LEU A 144 25.48 12.30 1.05
CA LEU A 144 24.80 11.21 1.76
C LEU A 144 23.66 10.58 0.95
N GLY A 145 23.41 11.15 -0.23
CA GLY A 145 22.33 10.69 -1.09
C GLY A 145 21.83 11.77 -2.01
N ALA A 146 20.93 11.39 -2.92
CA ALA A 146 20.28 12.38 -3.77
C ALA A 146 18.96 11.87 -4.30
N ASP A 147 18.19 12.80 -4.86
CA ASP A 147 16.91 12.48 -5.44
C ASP A 147 16.71 13.36 -6.65
N PHE A 148 16.68 12.73 -7.83
CA PHE A 148 16.59 13.43 -9.11
C PHE A 148 15.36 12.95 -9.87
N ASN A 149 14.74 13.83 -10.66
CA ASN A 149 13.65 13.39 -11.54
C ASN A 149 13.59 14.15 -12.86
N TYR A 150 12.87 13.56 -13.81
CA TYR A 150 12.43 14.27 -15.00
C TYR A 150 11.21 13.53 -15.48
N ALA A 151 10.05 14.11 -15.24
CA ALA A 151 8.77 13.51 -15.63
C ALA A 151 7.86 14.60 -16.13
N LYS A 152 7.48 14.53 -17.40
CA LYS A 152 6.48 15.47 -17.89
C LYS A 152 5.56 14.82 -18.91
N TYR A 153 4.36 15.37 -19.01
CA TYR A 153 3.28 14.77 -19.78
C TYR A 153 3.52 14.99 -21.28
N SER A 154 3.81 13.91 -21.98
CA SER A 154 4.19 13.92 -23.38
C SER A 154 3.10 14.48 -24.30
N SER A 155 3.51 15.27 -25.28
CA SER A 155 2.60 15.76 -26.31
C SER A 155 2.06 14.62 -27.17
N LYS A 156 2.65 13.44 -27.04
CA LYS A 156 2.23 12.27 -27.80
C LYS A 156 1.18 11.44 -27.04
N MET A 157 0.85 11.87 -25.83
CA MET A 157 -0.15 11.17 -25.01
C MET A 157 -1.53 11.07 -25.69
N PRO A 158 -2.03 12.17 -26.32
CA PRO A 158 -3.32 12.00 -27.01
C PRO A 158 -3.30 10.93 -28.11
N ASP A 159 -2.20 10.82 -28.85
CA ASP A 159 -2.12 9.79 -29.90
C ASP A 159 -2.11 8.39 -29.28
N LEU A 160 -1.35 8.24 -28.21
CA LEU A 160 -1.27 6.97 -27.50
C LEU A 160 -2.66 6.57 -26.98
N LEU A 161 -3.33 7.51 -26.31
CA LEU A 161 -4.65 7.25 -25.74
C LEU A 161 -5.70 6.95 -26.80
N ALA A 162 -5.49 7.47 -28.01
CA ALA A 162 -6.41 7.18 -29.12
C ALA A 162 -6.07 5.88 -29.83
N GLY A 163 -5.09 5.15 -29.32
CA GLY A 163 -4.81 3.82 -29.82
C GLY A 163 -3.67 3.69 -30.81
N GLN A 164 -2.98 4.80 -31.07
CA GLN A 164 -1.78 4.77 -31.89
C GLN A 164 -0.59 4.41 -31.01
N THR A 165 0.53 4.07 -31.63
CA THR A 165 1.77 3.82 -30.91
C THR A 165 2.83 4.77 -31.46
N PRO A 166 2.91 5.99 -30.91
CA PRO A 166 3.94 6.95 -31.32
C PRO A 166 5.33 6.35 -31.14
N ASN A 167 6.31 6.74 -31.96
CA ASN A 167 7.66 6.20 -31.86
C ASN A 167 8.23 6.20 -30.44
N VAL A 168 7.95 7.24 -29.69
CA VAL A 168 8.53 7.38 -28.35
C VAL A 168 7.92 6.38 -27.34
N PHE A 169 6.83 5.73 -27.73
CA PHE A 169 6.25 4.71 -26.88
C PHE A 169 6.34 3.33 -27.51
N SER A 170 7.17 3.20 -28.55
CA SER A 170 7.26 1.93 -29.27
C SER A 170 8.50 1.11 -28.91
N ASP A 171 8.36 -0.22 -28.99
CA ASP A 171 9.50 -1.09 -28.72
C ASP A 171 10.36 -1.24 -29.96
N ARG A 172 9.86 -0.72 -31.08
CA ARG A 172 10.60 -0.78 -32.34
C ARG A 172 11.56 0.37 -32.44
N PHE A 173 11.28 1.45 -31.73
CA PHE A 173 12.08 2.66 -31.82
C PHE A 173 12.79 2.99 -30.53
N ALA A 174 12.90 1.97 -29.66
CA ALA A 174 13.70 2.08 -28.45
C ALA A 174 13.29 3.25 -27.58
N GLY A 175 12.00 3.36 -27.29
CA GLY A 175 11.51 4.50 -26.54
C GLY A 175 11.28 4.21 -25.06
N GLY A 176 10.37 4.96 -24.46
CA GLY A 176 10.06 4.81 -23.03
C GLY A 176 10.54 5.98 -22.20
N ALA A 177 9.99 6.12 -20.99
CA ALA A 177 10.34 7.23 -20.12
C ALA A 177 11.83 7.22 -19.75
N LEU A 178 12.35 6.04 -19.41
CA LEU A 178 13.74 5.93 -18.99
C LEU A 178 14.68 6.37 -20.12
N MET A 179 14.47 5.84 -21.32
CA MET A 179 15.28 6.19 -22.48
C MET A 179 15.15 7.65 -22.88
N ASP A 180 13.93 8.17 -22.88
CA ASP A 180 13.72 9.52 -23.40
C ASP A 180 14.04 10.59 -22.37
N LEU A 181 13.62 10.38 -21.12
CA LEU A 181 13.79 11.40 -20.08
C LEU A 181 14.68 10.98 -18.90
N GLY A 182 14.63 9.71 -18.53
CA GLY A 182 15.42 9.21 -17.42
C GLY A 182 16.92 9.36 -17.66
N ILE A 183 17.31 9.42 -18.92
CA ILE A 183 18.70 9.62 -19.25
C ILE A 183 19.24 10.95 -18.67
N TYR A 184 18.37 11.95 -18.51
CA TYR A 184 18.82 13.23 -17.94
C TYR A 184 19.29 13.12 -16.48
N PRO A 185 18.43 12.59 -15.59
CA PRO A 185 18.98 12.48 -14.22
C PRO A 185 20.17 11.51 -14.11
N LEU A 186 20.24 10.52 -15.01
CA LEU A 186 21.39 9.61 -15.00
C LEU A 186 22.66 10.37 -15.39
N TYR A 187 22.55 11.24 -16.39
CA TYR A 187 23.69 12.01 -16.83
C TYR A 187 24.13 12.99 -15.73
N ALA A 188 23.16 13.50 -14.98
CA ALA A 188 23.46 14.42 -13.89
C ALA A 188 24.22 13.69 -12.79
N ALA A 189 23.73 12.51 -12.43
CA ALA A 189 24.41 11.68 -11.42
C ALA A 189 25.83 11.31 -11.86
N VAL A 190 26.01 10.90 -13.11
CA VAL A 190 27.36 10.57 -13.58
C VAL A 190 28.27 11.80 -13.58
N ARG A 191 27.71 12.93 -14.01
CA ARG A 191 28.45 14.19 -14.06
C ARG A 191 29.02 14.53 -12.68
N LEU A 192 28.21 14.31 -11.65
CA LEU A 192 28.53 14.76 -10.29
C LEU A 192 29.20 13.69 -9.43
N PHE A 193 28.77 12.45 -9.61
CA PHE A 193 29.19 11.36 -8.73
C PHE A 193 30.03 10.30 -9.43
N GLY A 194 30.08 10.33 -10.75
CA GLY A 194 30.79 9.32 -11.50
C GLY A 194 29.97 8.05 -11.67
N LYS A 195 30.64 6.99 -12.09
CA LYS A 195 30.02 5.69 -12.33
C LYS A 195 29.42 5.12 -11.03
N ALA A 196 28.15 4.69 -11.08
CA ALA A 196 27.53 4.05 -9.91
C ALA A 196 27.98 2.58 -9.76
N ASN A 197 27.78 2.00 -8.58
CA ASN A 197 28.16 0.61 -8.35
C ASN A 197 27.18 -0.34 -8.99
N ASP A 198 25.90 0.04 -8.99
CA ASP A 198 24.82 -0.80 -9.49
C ASP A 198 23.57 0.06 -9.56
N ALA A 199 22.49 -0.49 -10.10
CA ALA A 199 21.28 0.29 -10.27
C ALA A 199 20.08 -0.64 -10.38
N THR A 200 18.88 -0.12 -10.07
CA THR A 200 17.65 -0.88 -10.22
C THR A 200 16.57 0.07 -10.72
N TYR A 201 15.53 -0.48 -11.35
CA TYR A 201 14.43 0.33 -11.90
C TYR A 201 13.19 -0.54 -11.99
N HIS A 202 12.04 0.04 -11.66
CA HIS A 202 10.76 -0.67 -11.80
C HIS A 202 9.76 0.29 -12.40
N ALA A 203 8.97 -0.18 -13.35
CA ALA A 203 8.19 0.75 -14.17
C ALA A 203 6.75 0.33 -14.36
N GLN A 204 5.87 1.31 -14.61
CA GLN A 204 4.53 1.02 -15.11
C GLN A 204 4.64 0.92 -16.63
N GLN A 205 4.21 -0.21 -17.19
CA GLN A 205 4.52 -0.52 -18.59
C GLN A 205 3.31 -0.71 -19.49
N LEU A 206 3.48 -0.35 -20.76
CA LEU A 206 2.53 -0.71 -21.81
C LEU A 206 2.65 -2.21 -22.13
N ASP A 207 1.72 -2.75 -22.92
CA ASP A 207 1.77 -4.17 -23.30
C ASP A 207 3.06 -4.56 -24.04
N ASN A 208 3.69 -3.62 -24.72
CA ASN A 208 4.90 -3.91 -25.48
C ASN A 208 6.16 -3.80 -24.61
N SER A 209 5.93 -3.61 -23.31
CA SER A 209 6.96 -3.54 -22.24
C SER A 209 7.59 -2.15 -22.07
N ILE A 210 7.25 -1.21 -22.94
CA ILE A 210 7.76 0.15 -22.83
C ILE A 210 7.21 0.87 -21.59
N ASP A 211 8.07 1.60 -20.88
CA ASP A 211 7.67 2.26 -19.64
C ASP A 211 7.05 3.63 -19.82
N LEU A 212 5.87 3.82 -19.22
CA LEU A 212 5.22 5.13 -19.13
C LEU A 212 5.87 5.98 -18.05
N ASN A 213 6.29 5.34 -16.95
CA ASN A 213 6.94 6.03 -15.84
C ASN A 213 7.61 4.99 -14.97
N GLY A 214 8.56 5.40 -14.14
CA GLY A 214 9.25 4.42 -13.32
C GLY A 214 10.08 5.04 -12.24
N ASP A 215 10.49 4.20 -11.28
CA ASP A 215 11.33 4.65 -10.18
C ASP A 215 12.54 3.74 -10.07
N GLY A 216 13.71 4.34 -9.94
CA GLY A 216 14.94 3.59 -9.84
C GLY A 216 15.84 4.11 -8.74
N ILE A 217 16.90 3.37 -8.46
CA ILE A 217 17.93 3.81 -7.53
C ILE A 217 19.30 3.54 -8.17
N LEU A 218 20.19 4.52 -8.11
CA LEU A 218 21.61 4.29 -8.42
C LEU A 218 22.37 4.09 -7.11
N PHE A 219 23.12 2.99 -7.02
CA PHE A 219 23.85 2.67 -5.79
C PHE A 219 25.32 3.11 -5.84
N TYR A 220 25.73 3.89 -4.83
CA TYR A 220 27.09 4.39 -4.70
C TYR A 220 27.65 3.88 -3.38
N PRO A 221 28.99 4.00 -3.17
CA PRO A 221 29.57 3.37 -1.99
C PRO A 221 28.91 3.75 -0.65
N ASP A 222 28.73 5.04 -0.37
CA ASP A 222 28.12 5.39 0.91
C ASP A 222 26.80 6.14 0.78
N TYR A 223 26.12 5.97 -0.35
CA TYR A 223 24.82 6.60 -0.57
C TYR A 223 24.09 6.07 -1.80
N GLN A 224 22.83 6.47 -1.96
CA GLN A 224 22.06 6.12 -3.15
C GLN A 224 21.33 7.33 -3.72
N VAL A 225 20.93 7.21 -4.99
CA VAL A 225 20.29 8.29 -5.71
C VAL A 225 18.99 7.77 -6.29
N HIS A 226 17.87 8.31 -5.80
CA HIS A 226 16.57 7.95 -6.35
C HIS A 226 16.39 8.64 -7.70
N ILE A 227 15.91 7.88 -8.67
CA ILE A 227 15.66 8.38 -10.01
C ILE A 227 14.20 8.17 -10.34
N LYS A 228 13.49 9.23 -10.76
CA LYS A 228 12.14 9.10 -11.30
C LYS A 228 12.07 9.58 -12.75
N ALA A 229 11.45 8.78 -13.62
CA ALA A 229 11.20 9.18 -15.00
C ALA A 229 9.71 9.01 -15.32
N GLY A 230 9.15 9.86 -16.17
CA GLY A 230 7.75 9.73 -16.51
C GLY A 230 7.35 10.47 -17.77
N LYS A 231 6.47 9.86 -18.57
CA LYS A 231 5.91 10.51 -19.77
C LYS A 231 4.38 10.62 -19.77
N ASN A 232 3.71 9.93 -18.85
CA ASN A 232 2.24 10.04 -18.76
C ASN A 232 1.82 10.80 -17.51
N ILE A 233 2.80 11.41 -16.85
CA ILE A 233 2.58 12.18 -15.63
C ILE A 233 3.43 13.45 -15.64
N THR A 234 3.00 14.45 -14.87
CA THR A 234 3.81 15.65 -14.64
C THR A 234 4.30 15.70 -13.19
N SER A 235 5.62 15.68 -13.01
CA SER A 235 6.20 15.96 -11.70
C SER A 235 6.88 17.33 -11.69
N ASN A 236 6.75 18.05 -10.58
CA ASN A 236 7.44 19.34 -10.44
C ASN A 236 8.39 19.35 -9.26
N LEU A 237 8.73 18.16 -8.78
CA LEU A 237 9.61 18.00 -7.64
C LEU A 237 11.00 18.59 -7.92
N PRO A 238 11.53 19.35 -6.96
CA PRO A 238 12.91 19.81 -7.05
C PRO A 238 13.84 18.61 -7.01
N CYS A 239 15.12 18.85 -7.29
CA CYS A 239 16.12 17.80 -7.16
C CYS A 239 17.02 18.09 -5.96
N GLU A 240 17.24 17.09 -5.10
CA GLU A 240 18.02 17.30 -3.88
C GLU A 240 19.31 16.49 -3.83
N ILE A 241 20.33 17.07 -3.21
CA ILE A 241 21.54 16.34 -2.89
C ILE A 241 21.81 16.53 -1.40
N TYR A 242 21.86 15.44 -0.66
CA TYR A 242 22.06 15.51 0.78
C TYR A 242 23.54 15.42 1.10
N THR A 243 24.00 16.26 2.03
CA THR A 243 25.36 16.19 2.54
C THR A 243 25.30 16.09 4.06
N THR A 244 26.44 15.82 4.69
CA THR A 244 26.50 15.66 6.15
C THR A 244 26.06 16.91 6.89
N ASP A 245 26.18 18.05 6.21
CA ASP A 245 25.90 19.35 6.83
C ASP A 245 24.65 20.05 6.28
N GLY A 246 23.95 19.44 5.34
CA GLY A 246 22.72 20.05 4.85
C GLY A 246 22.19 19.46 3.56
N THR A 247 21.43 20.28 2.83
CA THR A 247 20.79 19.81 1.61
C THR A 247 20.96 20.84 0.51
N LEU A 248 21.49 20.38 -0.62
CA LEU A 248 21.55 21.22 -1.83
C LEU A 248 20.28 20.99 -2.67
N THR A 249 19.55 22.07 -2.93
CA THR A 249 18.31 22.01 -3.70
C THR A 249 18.48 22.63 -5.09
N LEU A 250 18.32 21.81 -6.12
CA LEU A 250 18.39 22.28 -7.51
C LEU A 250 16.97 22.27 -8.03
N ASN A 251 16.56 23.29 -8.78
CA ASN A 251 15.20 23.32 -9.27
C ASN A 251 14.92 22.18 -10.25
N THR A 252 15.93 21.82 -11.05
CA THR A 252 15.84 20.68 -11.99
C THR A 252 17.24 20.12 -12.08
N ILE A 253 17.43 19.05 -12.85
CA ILE A 253 18.79 18.64 -13.21
C ILE A 253 19.03 18.82 -14.72
N GLU A 254 18.20 19.65 -15.33
CA GLU A 254 18.35 20.02 -16.75
C GLU A 254 17.95 21.47 -16.97
N HIS A 255 18.76 22.21 -17.74
CA HIS A 255 18.57 23.65 -17.93
C HIS A 255 18.41 24.28 -16.56
N ILE A 256 19.30 23.89 -15.64
CA ILE A 256 19.23 24.29 -14.24
C ILE A 256 19.22 25.81 -14.07
N ARG A 257 18.31 26.33 -13.26
CA ARG A 257 18.25 27.77 -13.05
C ARG A 257 18.59 28.23 -11.63
N SER A 258 18.40 27.38 -10.63
CA SER A 258 18.81 27.75 -9.27
C SER A 258 19.39 26.57 -8.49
N ALA A 259 20.36 26.85 -7.63
CA ALA A 259 20.92 25.85 -6.74
C ALA A 259 21.12 26.51 -5.38
N ILE A 260 20.45 26.00 -4.36
CA ILE A 260 20.51 26.63 -3.04
C ILE A 260 20.80 25.63 -1.95
N PHE A 261 21.82 25.93 -1.16
CA PHE A 261 22.22 25.05 -0.06
C PHE A 261 21.67 25.54 1.26
N THR A 262 21.02 24.63 1.98
CA THR A 262 20.48 24.93 3.30
C THR A 262 21.14 24.00 4.31
N ASP A 263 21.69 24.55 5.38
CA ASP A 263 22.29 23.72 6.43
C ASP A 263 21.26 23.30 7.49
N HIS A 264 21.71 22.55 8.49
CA HIS A 264 20.78 21.99 9.46
C HIS A 264 20.31 23.01 10.51
N GLN A 265 20.78 24.25 10.39
CA GLN A 265 20.28 25.35 11.21
C GLN A 265 19.43 26.31 10.37
N GLY A 266 19.25 25.98 9.10
CA GLY A 266 18.41 26.78 8.23
C GLY A 266 19.09 27.94 7.54
N ASN A 267 20.41 28.04 7.70
CA ASN A 267 21.20 29.03 6.98
C ASN A 267 21.38 28.64 5.52
N GLN A 268 21.20 29.61 4.63
CA GLN A 268 21.22 29.31 3.20
C GLN A 268 22.35 29.97 2.43
N VAL A 269 22.80 29.27 1.39
CA VAL A 269 23.83 29.77 0.48
C VAL A 269 23.29 29.61 -0.93
N GLN A 270 23.33 30.68 -1.72
CA GLN A 270 22.85 30.60 -3.09
C GLN A 270 24.04 30.43 -4.02
N LEU A 271 24.12 29.28 -4.67
CA LEU A 271 25.15 29.04 -5.67
C LEU A 271 24.92 29.93 -6.89
N PRO A 272 26.00 30.49 -7.45
CA PRO A 272 25.91 31.37 -8.61
C PRO A 272 25.57 30.58 -9.87
N ILE A 273 24.27 30.38 -10.11
CA ILE A 273 23.79 29.71 -11.31
C ILE A 273 23.33 30.77 -12.31
N GLN A 274 23.74 30.62 -13.55
CA GLN A 274 23.34 31.54 -14.62
C GLN A 274 22.82 30.72 -15.79
N GLN A 275 21.51 30.46 -15.79
CA GLN A 275 20.88 29.64 -16.82
C GLN A 275 21.16 30.21 -18.20
N ALA A 276 21.46 29.32 -19.14
CA ALA A 276 21.74 29.72 -20.53
C ALA A 276 20.43 30.08 -21.23
N PRO A 277 20.48 30.95 -22.26
CA PRO A 277 19.28 31.40 -22.97
C PRO A 277 18.51 30.25 -23.60
N HIS A 278 19.24 29.24 -24.08
CA HIS A 278 18.63 28.06 -24.68
C HIS A 278 19.21 26.78 -24.10
N THR A 279 18.45 25.70 -24.20
CA THR A 279 18.84 24.42 -23.58
C THR A 279 20.11 23.81 -24.16
N MET A 280 20.46 24.17 -25.38
CA MET A 280 21.59 23.52 -26.05
C MET A 280 22.79 24.43 -26.26
N THR A 281 22.70 25.68 -25.79
CA THR A 281 23.77 26.67 -25.95
C THR A 281 25.13 26.11 -25.52
N GLU A 282 25.16 25.52 -24.34
CA GLU A 282 26.44 25.12 -23.75
C GLU A 282 27.05 23.89 -24.42
N GLU A 283 26.23 22.88 -24.74
CA GLU A 283 26.77 21.72 -25.46
C GLU A 283 27.25 22.12 -26.86
N VAL A 284 26.51 23.02 -27.52
CA VAL A 284 26.88 23.47 -28.86
C VAL A 284 28.26 24.12 -28.84
N ALA A 285 28.51 24.96 -27.85
CA ALA A 285 29.80 25.62 -27.73
C ALA A 285 30.90 24.60 -27.44
N ALA A 286 30.62 23.71 -26.48
CA ALA A 286 31.57 22.68 -26.09
C ALA A 286 32.04 21.81 -27.26
N PHE A 287 31.09 21.37 -28.09
CA PHE A 287 31.41 20.48 -29.21
C PHE A 287 32.28 21.16 -30.26
N ALA A 288 31.94 22.40 -30.60
CA ALA A 288 32.70 23.13 -31.61
C ALA A 288 34.06 23.51 -31.04
N HIS A 289 34.10 23.79 -29.75
CA HIS A 289 35.36 24.12 -29.08
C HIS A 289 36.29 22.92 -29.12
N MET A 290 35.74 21.73 -28.91
CA MET A 290 36.50 20.49 -28.90
C MET A 290 37.11 20.17 -30.27
N ILE A 291 36.31 20.31 -31.33
CA ILE A 291 36.78 20.01 -32.68
C ILE A 291 37.84 21.01 -33.15
N GLN A 292 37.66 22.28 -32.77
CA GLN A 292 38.61 23.32 -33.13
C GLN A 292 39.91 23.21 -32.33
N GLN A 293 39.78 23.15 -31.00
CA GLN A 293 40.94 23.01 -30.14
C GLN A 293 40.78 21.78 -29.25
N PRO A 294 41.20 20.61 -29.76
CA PRO A 294 41.04 19.35 -29.05
C PRO A 294 41.77 19.28 -27.71
N ASP A 295 40.99 18.98 -26.67
CA ASP A 295 41.50 18.53 -25.39
C ASP A 295 41.10 17.06 -25.36
N LEU A 296 42.02 16.19 -25.77
CA LEU A 296 41.72 14.76 -25.89
C LEU A 296 41.40 14.08 -24.55
N ASN A 297 41.96 14.63 -23.47
CA ASN A 297 41.64 14.14 -22.13
C ASN A 297 40.18 14.39 -21.76
N LEU A 298 39.69 15.58 -22.08
CA LEU A 298 38.32 15.95 -21.80
C LEU A 298 37.39 15.10 -22.65
N TYR A 299 37.77 14.91 -23.90
CA TYR A 299 37.04 14.06 -24.84
C TYR A 299 36.91 12.64 -24.32
N GLN A 300 38.01 12.10 -23.81
CA GLN A 300 38.01 10.75 -23.26
C GLN A 300 37.02 10.59 -22.11
N THR A 301 36.93 11.61 -21.24
CA THR A 301 35.96 11.55 -20.13
C THR A 301 34.50 11.63 -20.61
N TRP A 302 34.25 12.44 -21.65
CA TRP A 302 32.91 12.52 -22.25
C TRP A 302 32.47 11.15 -22.76
N LEU A 303 33.37 10.49 -23.49
CA LEU A 303 33.11 9.14 -24.00
C LEU A 303 32.88 8.17 -22.85
N TYR A 304 33.70 8.30 -21.82
CA TYR A 304 33.66 7.42 -20.65
C TYR A 304 32.36 7.59 -19.87
N ASP A 305 31.95 8.83 -19.64
CA ASP A 305 30.73 9.09 -18.88
C ASP A 305 29.48 8.66 -19.66
N ALA A 306 29.51 8.84 -20.98
CA ALA A 306 28.43 8.32 -21.83
C ALA A 306 28.35 6.81 -21.68
N GLY A 307 29.49 6.15 -21.65
CA GLY A 307 29.53 4.71 -21.45
C GLY A 307 28.88 4.32 -20.14
N SER A 308 29.21 5.06 -19.07
CA SER A 308 28.61 4.82 -17.76
C SER A 308 27.07 4.99 -17.80
N VAL A 309 26.59 6.03 -18.46
CA VAL A 309 25.15 6.26 -18.55
C VAL A 309 24.45 5.11 -19.27
N HIS A 310 24.98 4.72 -20.41
CA HIS A 310 24.33 3.63 -21.18
C HIS A 310 24.41 2.27 -20.52
N GLU A 311 25.44 2.05 -19.70
CA GLU A 311 25.49 0.84 -18.89
C GLU A 311 24.36 0.87 -17.85
N LEU A 312 24.17 2.01 -17.20
CA LEU A 312 23.09 2.17 -16.22
C LEU A 312 21.70 2.00 -16.85
N LEU A 313 21.46 2.67 -17.98
CA LEU A 313 20.20 2.52 -18.71
C LEU A 313 19.90 1.06 -19.01
N TYR A 314 20.91 0.35 -19.50
CA TYR A 314 20.72 -1.05 -19.88
C TYR A 314 20.41 -1.94 -18.67
N THR A 315 21.12 -1.72 -17.57
CA THR A 315 20.83 -2.47 -16.35
C THR A 315 19.42 -2.20 -15.86
N MET A 316 19.02 -0.93 -15.94
CA MET A 316 17.72 -0.52 -15.46
C MET A 316 16.59 -1.07 -16.32
N ARG A 317 16.77 -1.06 -17.65
CA ARG A 317 15.81 -1.70 -18.53
C ARG A 317 15.67 -3.19 -18.23
N GLN A 318 16.81 -3.85 -17.99
CA GLN A 318 16.78 -5.27 -17.66
C GLN A 318 16.04 -5.59 -16.37
N THR A 319 16.22 -4.78 -15.33
CA THR A 319 15.51 -5.04 -14.08
C THR A 319 13.99 -4.80 -14.21
N ALA A 320 13.60 -3.81 -15.01
CA ALA A 320 12.20 -3.46 -15.20
C ALA A 320 11.49 -4.33 -16.25
N GLY A 321 12.28 -5.05 -17.05
CA GLY A 321 11.73 -5.87 -18.12
C GLY A 321 11.32 -5.06 -19.34
N ILE A 322 12.05 -3.98 -19.61
CA ILE A 322 11.77 -3.14 -20.78
C ILE A 322 12.58 -3.72 -21.92
N ARG A 323 11.91 -4.31 -22.90
CA ARG A 323 12.60 -5.01 -23.99
C ARG A 323 12.21 -4.46 -25.36
N PHE A 324 13.20 -4.19 -26.19
CA PHE A 324 12.94 -3.68 -27.53
C PHE A 324 12.70 -4.83 -28.50
N GLU A 325 12.11 -4.52 -29.66
CA GLU A 325 11.71 -5.52 -30.64
C GLU A 325 12.86 -6.43 -31.06
N ALA A 326 14.04 -5.85 -31.25
CA ALA A 326 15.19 -6.64 -31.69
C ALA A 326 15.82 -7.45 -30.55
N GLU A 327 15.33 -7.25 -29.34
CA GLU A 327 15.77 -8.01 -28.18
C GLU A 327 14.81 -9.14 -27.83
N LYS A 328 13.69 -9.22 -28.54
CA LYS A 328 12.61 -10.15 -28.21
C LYS A 328 12.63 -11.39 -29.10
N ALA B 3 -18.42 12.93 30.06
CA ALA B 3 -17.55 12.57 31.19
C ALA B 3 -16.09 12.41 30.74
N MET B 4 -15.16 12.91 31.55
CA MET B 4 -13.75 12.96 31.17
C MET B 4 -13.05 11.59 31.20
N LEU B 5 -12.25 11.31 30.18
CA LEU B 5 -11.43 10.11 30.16
C LEU B 5 -10.23 10.29 31.09
N LYS B 6 -10.12 9.43 32.10
CA LYS B 6 -8.98 9.48 33.01
C LYS B 6 -7.78 8.83 32.32
N LEU B 7 -6.70 9.61 32.20
CA LEU B 7 -5.54 9.20 31.41
C LEU B 7 -4.29 8.79 32.19
N GLY B 8 -3.76 7.61 31.87
CA GLY B 8 -2.47 7.18 32.38
C GLY B 8 -1.45 7.23 31.25
N VAL B 9 -0.18 7.43 31.59
CA VAL B 9 0.87 7.60 30.57
C VAL B 9 2.10 6.75 30.86
N ILE B 10 2.61 6.08 29.82
CA ILE B 10 3.90 5.42 29.89
C ILE B 10 4.83 6.14 28.93
N GLY B 11 6.03 6.48 29.40
CA GLY B 11 7.01 7.20 28.60
C GLY B 11 7.10 8.63 29.08
N THR B 12 8.30 9.06 29.43
CA THR B 12 8.48 10.41 29.94
C THR B 12 9.25 11.33 28.99
N GLY B 13 9.16 11.04 27.70
CA GLY B 13 9.81 11.84 26.68
C GLY B 13 9.00 13.08 26.32
N ALA B 14 9.60 13.97 25.54
CA ALA B 14 8.93 15.19 25.10
C ALA B 14 7.59 14.89 24.43
N ILE B 15 7.55 13.81 23.65
CA ILE B 15 6.32 13.43 22.95
C ILE B 15 5.15 13.19 23.90
N SER B 16 5.41 12.69 25.10
CA SER B 16 4.36 12.48 26.07
C SER B 16 3.77 13.81 26.58
N HIS B 17 4.63 14.80 26.75
CA HIS B 17 4.14 16.12 27.15
C HIS B 17 3.26 16.69 26.03
N HIS B 18 3.67 16.50 24.78
CA HIS B 18 2.89 17.03 23.66
C HIS B 18 1.52 16.37 23.60
N PHE B 19 1.49 15.05 23.77
CA PHE B 19 0.22 14.35 23.78
C PHE B 19 -0.69 14.86 24.90
N ILE B 20 -0.16 14.90 26.13
CA ILE B 20 -0.94 15.38 27.26
C ILE B 20 -1.51 16.79 27.02
N GLU B 21 -0.69 17.67 26.48
CA GLU B 21 -1.15 19.03 26.19
C GLU B 21 -2.34 19.00 25.23
N ALA B 22 -2.24 18.22 24.16
CA ALA B 22 -3.35 18.10 23.22
C ALA B 22 -4.57 17.47 23.87
N ALA B 23 -4.33 16.41 24.64
CA ALA B 23 -5.40 15.76 25.40
C ALA B 23 -6.14 16.74 26.32
N HIS B 24 -5.41 17.55 27.07
CA HIS B 24 -6.05 18.52 27.97
C HIS B 24 -6.76 19.61 27.19
N THR B 25 -6.13 20.10 26.13
CA THR B 25 -6.71 21.15 25.31
C THR B 25 -8.05 20.71 24.70
N SER B 26 -8.16 19.42 24.40
CA SER B 26 -9.39 18.89 23.79
C SER B 26 -10.56 18.93 24.75
N GLY B 27 -10.27 18.96 26.04
CA GLY B 27 -11.32 18.96 27.05
C GLY B 27 -11.86 17.58 27.36
N GLU B 28 -11.33 16.56 26.69
CA GLU B 28 -11.89 15.21 26.78
C GLU B 28 -11.13 14.25 27.71
N TYR B 29 -9.93 14.65 28.11
CA TYR B 29 -9.05 13.80 28.92
C TYR B 29 -8.62 14.52 30.20
N GLN B 30 -8.29 13.74 31.23
CA GLN B 30 -7.64 14.27 32.43
C GLN B 30 -6.51 13.34 32.85
N LEU B 31 -5.28 13.83 32.82
CA LEU B 31 -4.14 13.03 33.26
C LEU B 31 -4.28 12.71 34.75
N VAL B 32 -4.14 11.44 35.11
CA VAL B 32 -4.24 11.06 36.52
C VAL B 32 -3.06 10.22 37.01
N ALA B 33 -2.34 9.59 36.09
CA ALA B 33 -1.26 8.67 36.48
C ALA B 33 -0.11 8.65 35.51
N ILE B 34 1.10 8.50 36.05
CA ILE B 34 2.31 8.39 35.26
C ILE B 34 3.16 7.23 35.76
N TYR B 35 3.58 6.37 34.84
CA TYR B 35 4.52 5.30 35.13
C TYR B 35 5.90 5.64 34.56
N SER B 36 6.93 5.28 35.30
CA SER B 36 8.31 5.36 34.81
C SER B 36 9.15 4.26 35.42
N ARG B 37 10.25 3.93 34.76
CA ARG B 37 11.21 2.97 35.32
C ARG B 37 11.75 3.44 36.67
N LYS B 38 11.88 4.75 36.83
CA LYS B 38 12.32 5.32 38.10
C LYS B 38 11.27 6.32 38.61
N LEU B 39 10.91 6.21 39.89
CA LEU B 39 9.93 7.12 40.47
C LEU B 39 10.39 8.58 40.33
N GLU B 40 11.71 8.81 40.41
CA GLU B 40 12.25 10.15 40.28
C GLU B 40 12.04 10.72 38.87
N THR B 41 12.15 9.86 37.86
CA THR B 41 11.89 10.26 36.48
C THR B 41 10.42 10.60 36.31
N ALA B 42 9.55 9.79 36.92
CA ALA B 42 8.13 10.08 36.89
C ALA B 42 7.86 11.43 37.58
N ALA B 43 8.56 11.69 38.68
CA ALA B 43 8.35 12.91 39.47
C ALA B 43 8.71 14.18 38.70
N THR B 44 9.87 14.17 38.06
CA THR B 44 10.34 15.30 37.25
C THR B 44 9.34 15.56 36.13
N PHE B 45 8.88 14.49 35.50
CA PHE B 45 7.92 14.60 34.41
C PHE B 45 6.57 15.15 34.89
N ALA B 46 6.12 14.67 36.04
CA ALA B 46 4.79 15.00 36.55
C ALA B 46 4.71 16.40 37.17
N SER B 47 5.85 16.99 37.47
CA SER B 47 5.87 18.17 38.35
C SER B 47 5.10 19.37 37.81
N ARG B 48 5.02 19.49 36.49
CA ARG B 48 4.29 20.61 35.87
C ARG B 48 2.78 20.41 35.96
N TYR B 49 2.36 19.18 36.27
CA TYR B 49 0.94 18.88 36.36
C TYR B 49 0.46 18.96 37.82
N GLN B 50 -0.81 18.63 38.07
CA GLN B 50 -1.35 18.69 39.43
C GLN B 50 -2.04 17.39 39.83
N ASN B 51 -1.70 16.91 41.03
CA ASN B 51 -2.31 15.71 41.61
C ASN B 51 -2.21 14.44 40.75
N ILE B 52 -1.00 14.14 40.31
CA ILE B 52 -0.78 12.95 39.49
C ILE B 52 -0.18 11.83 40.34
N GLN B 53 -0.75 10.64 40.26
CA GLN B 53 -0.20 9.48 40.95
C GLN B 53 1.03 8.98 40.19
N LEU B 54 2.07 8.63 40.93
CA LEU B 54 3.30 8.13 40.31
C LEU B 54 3.48 6.64 40.56
N PHE B 55 4.04 5.94 39.59
CA PHE B 55 4.23 4.50 39.69
C PHE B 55 5.57 4.08 39.10
N ASP B 56 6.21 3.09 39.71
CA ASP B 56 7.42 2.48 39.12
C ASP B 56 7.29 0.96 38.91
N GLN B 57 6.07 0.44 39.04
CA GLN B 57 5.79 -0.95 38.73
C GLN B 57 4.56 -1.03 37.83
N LEU B 58 4.71 -1.66 36.66
CA LEU B 58 3.62 -1.72 35.68
C LEU B 58 2.39 -2.40 36.24
N GLU B 59 2.58 -3.46 37.02
CA GLU B 59 1.47 -4.22 37.59
C GLU B 59 0.61 -3.35 38.50
N VAL B 60 1.28 -2.56 39.32
CA VAL B 60 0.60 -1.65 40.23
C VAL B 60 -0.10 -0.52 39.44
N PHE B 61 0.63 0.03 38.46
CA PHE B 61 0.10 1.04 37.53
C PHE B 61 -1.22 0.62 36.91
N PHE B 62 -1.24 -0.58 36.33
CA PHE B 62 -2.42 -1.09 35.62
C PHE B 62 -3.59 -1.47 36.54
N LYS B 63 -3.30 -1.60 37.83
CA LYS B 63 -4.33 -1.90 38.84
C LYS B 63 -5.08 -0.66 39.33
N SER B 64 -4.53 0.53 39.12
CA SER B 64 -5.18 1.77 39.55
C SER B 64 -6.35 2.15 38.66
N SER B 65 -7.05 3.22 39.03
CA SER B 65 -8.25 3.65 38.33
C SER B 65 -7.95 4.71 37.29
N PHE B 66 -7.89 4.28 36.03
CA PHE B 66 -7.90 5.20 34.90
C PHE B 66 -8.52 4.45 33.73
N ASP B 67 -9.03 5.19 32.74
CA ASP B 67 -9.78 4.55 31.65
C ASP B 67 -8.87 4.10 30.51
N LEU B 68 -7.82 4.85 30.25
CA LEU B 68 -6.97 4.52 29.11
C LEU B 68 -5.52 4.98 29.30
N VAL B 69 -4.62 4.30 28.60
CA VAL B 69 -3.21 4.60 28.71
C VAL B 69 -2.63 5.02 27.36
N TYR B 70 -1.86 6.09 27.38
CA TYR B 70 -1.09 6.48 26.20
C TYR B 70 0.31 5.93 26.39
N ILE B 71 0.80 5.19 25.40
CA ILE B 71 2.07 4.48 25.56
C ILE B 71 3.12 4.97 24.56
N ALA B 72 4.14 5.65 25.07
CA ALA B 72 5.19 6.21 24.22
C ALA B 72 6.59 5.82 24.75
N SER B 73 6.75 4.52 24.98
CA SER B 73 8.04 3.90 25.32
C SER B 73 8.79 3.57 24.03
N PRO B 74 10.04 3.06 24.13
CA PRO B 74 10.72 2.67 22.88
C PRO B 74 9.91 1.66 22.04
N ASN B 75 10.11 1.65 20.71
CA ASN B 75 9.29 0.86 19.82
C ASN B 75 9.19 -0.61 20.21
N SER B 76 10.31 -1.18 20.64
CA SER B 76 10.38 -2.61 20.95
C SER B 76 9.61 -2.99 22.21
N LEU B 77 9.20 -2.01 23.01
CA LEU B 77 8.47 -2.28 24.25
C LEU B 77 6.96 -2.07 24.13
N HIS B 78 6.56 -1.45 23.01
CA HIS B 78 5.14 -1.18 22.73
C HIS B 78 4.25 -2.42 22.91
N PHE B 79 4.65 -3.54 22.33
CA PHE B 79 3.77 -4.70 22.29
C PHE B 79 3.45 -5.27 23.67
N ALA B 80 4.49 -5.58 24.44
CA ALA B 80 4.28 -6.18 25.76
C ALA B 80 3.52 -5.27 26.71
N GLN B 81 3.78 -3.96 26.63
CA GLN B 81 3.12 -3.03 27.54
C GLN B 81 1.65 -2.87 27.17
N ALA B 82 1.37 -2.78 25.88
CA ALA B 82 -0.01 -2.65 25.39
C ALA B 82 -0.81 -3.92 25.71
N LYS B 83 -0.17 -5.08 25.58
CA LYS B 83 -0.86 -6.33 25.88
C LYS B 83 -1.26 -6.39 27.35
N ALA B 84 -0.35 -5.98 28.23
CA ALA B 84 -0.62 -5.92 29.66
C ALA B 84 -1.75 -4.94 29.98
N ALA B 85 -1.73 -3.78 29.35
CA ALA B 85 -2.76 -2.77 29.56
C ALA B 85 -4.15 -3.30 29.20
N LEU B 86 -4.26 -3.92 28.04
CA LEU B 86 -5.53 -4.47 27.55
C LEU B 86 -6.04 -5.59 28.46
N SER B 87 -5.14 -6.48 28.89
CA SER B 87 -5.53 -7.54 29.82
C SER B 87 -5.96 -6.95 31.15
N ALA B 88 -5.53 -5.72 31.45
CA ALA B 88 -5.92 -5.06 32.69
C ALA B 88 -7.18 -4.22 32.48
N GLY B 89 -7.75 -4.32 31.27
CA GLY B 89 -9.01 -3.67 30.98
C GLY B 89 -8.92 -2.20 30.65
N LYS B 90 -7.74 -1.75 30.24
CA LYS B 90 -7.52 -0.35 29.87
C LYS B 90 -7.56 -0.21 28.35
N HIS B 91 -8.18 0.86 27.87
CA HIS B 91 -8.07 1.23 26.45
C HIS B 91 -6.65 1.70 26.19
N VAL B 92 -6.16 1.53 24.97
CA VAL B 92 -4.78 1.86 24.66
C VAL B 92 -4.64 2.74 23.44
N ILE B 93 -3.92 3.84 23.60
CA ILE B 93 -3.37 4.58 22.47
C ILE B 93 -1.88 4.26 22.45
N LEU B 94 -1.43 3.64 21.37
CA LEU B 94 -0.07 3.14 21.27
C LEU B 94 0.66 3.97 20.23
N GLU B 95 1.78 4.57 20.60
CA GLU B 95 2.50 5.41 19.65
C GLU B 95 3.03 4.63 18.45
N LYS B 96 3.18 5.32 17.32
CA LYS B 96 3.75 4.70 16.15
C LYS B 96 5.26 4.53 16.34
N PRO B 97 5.83 3.49 15.71
CA PRO B 97 5.13 2.37 15.08
C PRO B 97 4.60 1.48 16.21
N ALA B 98 3.34 1.04 16.10
CA ALA B 98 2.71 0.30 17.19
C ALA B 98 3.47 -0.98 17.56
N VAL B 99 3.97 -1.68 16.55
CA VAL B 99 4.60 -2.99 16.77
C VAL B 99 5.78 -3.21 15.84
N SER B 100 6.46 -4.34 16.02
CA SER B 100 7.60 -4.70 15.17
C SER B 100 7.26 -5.70 14.07
N GLN B 101 6.16 -6.42 14.22
CA GLN B 101 5.71 -7.41 13.23
C GLN B 101 4.19 -7.49 13.25
N PRO B 102 3.57 -7.72 12.09
CA PRO B 102 2.10 -7.70 11.98
C PRO B 102 1.42 -8.70 12.93
N GLN B 103 2.03 -9.86 13.20
CA GLN B 103 1.39 -10.80 14.10
C GLN B 103 1.18 -10.19 15.50
N GLU B 104 2.09 -9.30 15.91
CA GLU B 104 1.93 -8.60 17.19
C GLU B 104 0.67 -7.73 17.20
N TRP B 105 0.38 -7.10 16.07
CA TRP B 105 -0.79 -6.23 15.97
C TRP B 105 -2.05 -7.06 16.11
N PHE B 106 -2.10 -8.16 15.37
CA PHE B 106 -3.22 -9.10 15.44
C PHE B 106 -3.42 -9.60 16.87
N ASP B 107 -2.31 -9.84 17.56
CA ASP B 107 -2.34 -10.34 18.94
C ASP B 107 -2.95 -9.30 19.88
N LEU B 108 -2.58 -8.03 19.67
CA LEU B 108 -3.10 -6.95 20.49
C LEU B 108 -4.60 -6.81 20.27
N ILE B 109 -5.01 -6.88 19.00
CA ILE B 109 -6.42 -6.74 18.65
C ILE B 109 -7.25 -7.85 19.30
N GLN B 110 -6.75 -9.09 19.22
CA GLN B 110 -7.43 -10.22 19.84
C GLN B 110 -7.57 -9.99 21.33
N THR B 111 -6.52 -9.45 21.94
CA THR B 111 -6.51 -9.23 23.38
C THR B 111 -7.50 -8.11 23.74
N ALA B 112 -7.53 -7.08 22.89
CA ALA B 112 -8.42 -5.94 23.12
C ALA B 112 -9.90 -6.36 23.04
N GLU B 113 -10.24 -7.11 22.00
CA GLU B 113 -11.61 -7.56 21.79
C GLU B 113 -12.09 -8.44 22.93
N LYS B 114 -11.24 -9.36 23.38
CA LYS B 114 -11.62 -10.25 24.47
C LYS B 114 -11.75 -9.53 25.80
N ASN B 115 -11.10 -8.38 25.95
CA ASN B 115 -11.23 -7.59 27.17
C ASN B 115 -12.16 -6.41 26.96
N ASN B 116 -12.83 -6.39 25.81
CA ASN B 116 -13.74 -5.31 25.41
C ASN B 116 -13.15 -3.90 25.54
N CYS B 117 -11.93 -3.74 25.03
CA CYS B 117 -11.25 -2.45 25.05
C CYS B 117 -10.93 -2.05 23.63
N PHE B 118 -10.70 -0.75 23.44
CA PHE B 118 -10.19 -0.25 22.18
C PHE B 118 -8.66 -0.25 22.22
N ILE B 119 -8.05 -0.50 21.06
CA ILE B 119 -6.63 -0.16 20.88
C ILE B 119 -6.50 0.72 19.63
N PHE B 120 -5.76 1.83 19.75
CA PHE B 120 -5.53 2.75 18.64
C PHE B 120 -4.04 2.94 18.40
N GLU B 121 -3.57 2.80 17.16
CA GLU B 121 -2.23 3.26 16.85
C GLU B 121 -2.28 4.77 16.66
N ALA B 122 -1.35 5.49 17.28
CA ALA B 122 -1.37 6.96 17.22
C ALA B 122 -0.76 7.48 15.92
N ALA B 123 -1.39 7.12 14.81
CA ALA B 123 -0.98 7.55 13.49
C ALA B 123 -1.56 8.94 13.23
N ARG B 124 -0.86 9.97 13.67
CA ARG B 124 -1.46 11.30 13.75
C ARG B 124 -1.88 11.83 12.38
N ASN B 125 -1.16 11.46 11.34
CA ASN B 125 -1.50 11.95 10.01
C ASN B 125 -2.74 11.29 9.43
N TYR B 126 -2.90 10.00 9.66
CA TYR B 126 -4.06 9.24 9.17
C TYR B 126 -5.37 9.90 9.58
N HIS B 127 -5.37 10.53 10.75
CA HIS B 127 -6.59 11.15 11.29
C HIS B 127 -6.82 12.59 10.88
N GLU B 128 -5.91 13.18 10.10
CA GLU B 128 -6.08 14.55 9.64
C GLU B 128 -7.27 14.70 8.70
N LYS B 129 -8.10 15.72 8.93
CA LYS B 129 -9.26 15.98 8.08
C LYS B 129 -8.83 16.18 6.62
N ALA B 130 -7.63 16.73 6.42
CA ALA B 130 -7.04 16.84 5.10
C ALA B 130 -7.17 15.57 4.26
N PHE B 131 -6.94 14.41 4.85
CA PHE B 131 -7.06 13.16 4.09
C PHE B 131 -8.48 12.84 3.62
N THR B 132 -9.47 13.25 4.41
CA THR B 132 -10.85 13.11 3.94
C THR B 132 -11.07 14.02 2.73
N THR B 133 -10.61 15.27 2.82
CA THR B 133 -10.79 16.21 1.71
C THR B 133 -10.07 15.72 0.44
N ILE B 134 -8.86 15.21 0.61
CA ILE B 134 -8.09 14.72 -0.52
C ILE B 134 -8.74 13.48 -1.12
N LYS B 135 -9.15 12.54 -0.28
CA LYS B 135 -9.73 11.32 -0.81
C LYS B 135 -11.06 11.58 -1.54
N ASN B 136 -11.86 12.49 -1.02
CA ASN B 136 -13.08 12.88 -1.72
C ASN B 136 -12.76 13.47 -3.09
N PHE B 137 -11.69 14.24 -3.16
CA PHE B 137 -11.33 14.87 -4.43
C PHE B 137 -10.84 13.86 -5.45
N LEU B 138 -10.16 12.82 -4.97
CA LEU B 138 -9.58 11.81 -5.86
C LEU B 138 -10.60 10.76 -6.28
N ALA B 139 -11.74 10.73 -5.58
CA ALA B 139 -12.75 9.69 -5.76
C ALA B 139 -13.22 9.46 -7.20
N ASP B 140 -13.28 10.52 -8.00
CA ASP B 140 -13.63 10.31 -9.40
C ASP B 140 -12.51 10.75 -10.35
N LYS B 141 -11.29 10.66 -9.87
CA LYS B 141 -10.13 10.76 -10.73
C LYS B 141 -9.52 9.39 -10.90
N GLN B 142 -8.66 9.23 -11.89
CA GLN B 142 -7.96 7.98 -12.13
CA GLN B 142 -7.96 7.97 -12.11
C GLN B 142 -6.49 8.18 -11.76
N VAL B 143 -6.05 7.56 -10.67
CA VAL B 143 -4.70 7.76 -10.16
C VAL B 143 -3.66 7.03 -11.02
N LEU B 144 -2.53 7.68 -11.28
CA LEU B 144 -1.48 7.11 -12.13
C LEU B 144 -0.17 6.86 -11.38
N GLY B 145 -0.12 7.27 -10.12
CA GLY B 145 1.05 7.07 -9.28
C GLY B 145 1.13 8.12 -8.20
N ALA B 146 2.12 8.00 -7.31
CA ALA B 146 2.34 9.01 -6.30
C ALA B 146 3.77 8.98 -5.84
N ASP B 147 4.18 10.06 -5.18
CA ASP B 147 5.54 10.18 -4.64
C ASP B 147 5.48 10.87 -3.27
N PHE B 148 5.70 10.09 -2.21
CA PHE B 148 5.58 10.58 -0.83
C PHE B 148 6.93 10.45 -0.11
N ASN B 149 7.22 11.35 0.81
CA ASN B 149 8.45 11.26 1.60
C ASN B 149 8.28 11.81 3.01
N TYR B 150 9.12 11.33 3.92
CA TYR B 150 9.32 11.98 5.21
C TYR B 150 10.77 11.75 5.59
N ALA B 151 11.59 12.79 5.47
CA ALA B 151 13.00 12.71 5.83
C ALA B 151 13.46 14.01 6.49
N LYS B 152 13.84 13.90 7.76
CA LYS B 152 14.34 15.01 8.54
C LYS B 152 15.56 14.61 9.38
N TYR B 153 16.59 15.44 9.38
CA TYR B 153 17.80 15.18 10.14
C TYR B 153 17.52 15.06 11.65
N SER B 154 17.78 13.88 12.21
CA SER B 154 17.45 13.58 13.62
C SER B 154 18.23 14.36 14.66
N SER B 155 17.56 14.69 15.77
CA SER B 155 18.21 15.33 16.90
C SER B 155 19.19 14.37 17.60
N LYS B 156 19.13 13.09 17.23
CA LYS B 156 19.99 12.07 17.81
C LYS B 156 21.26 11.83 17.00
N MET B 157 21.35 12.45 15.83
CA MET B 157 22.55 12.36 14.99
C MET B 157 23.87 12.70 15.69
N PRO B 158 23.92 13.78 16.52
CA PRO B 158 25.18 14.04 17.21
C PRO B 158 25.59 12.90 18.15
N ASP B 159 24.63 12.32 18.87
CA ASP B 159 24.92 11.18 19.73
C ASP B 159 25.43 10.01 18.89
N LEU B 160 24.73 9.73 17.79
CA LEU B 160 25.13 8.65 16.88
C LEU B 160 26.55 8.85 16.39
N LEU B 161 26.81 10.02 15.81
CA LEU B 161 28.12 10.33 15.24
C LEU B 161 29.23 10.33 16.28
N ALA B 162 28.87 10.50 17.55
CA ALA B 162 29.84 10.48 18.63
C ALA B 162 30.13 9.06 19.11
N GLY B 163 29.57 8.07 18.41
CA GLY B 163 29.83 6.68 18.73
C GLY B 163 28.78 6.01 19.59
N GLN B 164 27.83 6.79 20.10
CA GLN B 164 26.73 6.22 20.88
C GLN B 164 25.70 5.58 19.95
N THR B 165 24.77 4.84 20.54
CA THR B 165 23.67 4.32 19.76
C THR B 165 22.34 4.65 20.43
N PRO B 166 21.71 5.75 19.97
CA PRO B 166 20.38 6.15 20.45
C PRO B 166 19.39 5.05 20.15
N ASN B 167 18.35 4.89 20.97
CA ASN B 167 17.31 3.91 20.74
C ASN B 167 16.79 3.90 19.29
N VAL B 168 16.61 5.08 18.70
CA VAL B 168 15.98 5.16 17.37
C VAL B 168 16.89 4.60 16.25
N PHE B 169 18.14 4.36 16.58
CA PHE B 169 19.09 3.80 15.61
C PHE B 169 19.54 2.39 16.00
N SER B 170 18.81 1.78 16.94
CA SER B 170 19.24 0.51 17.55
C SER B 170 18.39 -0.67 17.06
N ASP B 171 19.03 -1.82 16.85
CA ASP B 171 18.28 -3.00 16.42
C ASP B 171 17.58 -3.67 17.62
N ARG B 172 17.97 -3.27 18.82
CA ARG B 172 17.30 -3.77 20.01
C ARG B 172 15.98 -3.04 20.29
N PHE B 173 15.84 -1.82 19.78
CA PHE B 173 14.64 -1.03 20.05
C PHE B 173 13.77 -0.80 18.81
N ALA B 174 13.94 -1.65 17.80
CA ALA B 174 13.12 -1.60 16.59
C ALA B 174 13.16 -0.20 15.93
N GLY B 175 14.36 0.32 15.74
CA GLY B 175 14.54 1.66 15.23
C GLY B 175 14.65 1.75 13.72
N GLY B 176 15.11 2.90 13.23
CA GLY B 176 15.34 3.06 11.81
C GLY B 176 14.42 4.08 11.17
N ALA B 177 14.84 4.55 10.01
CA ALA B 177 14.12 5.60 9.29
C ALA B 177 12.75 5.11 8.87
N LEU B 178 12.67 3.88 8.37
CA LEU B 178 11.39 3.35 7.87
C LEU B 178 10.38 3.27 9.01
N MET B 179 10.80 2.67 10.11
CA MET B 179 9.93 2.48 11.29
C MET B 179 9.53 3.81 11.93
N ASP B 180 10.50 4.72 12.05
CA ASP B 180 10.24 5.99 12.72
C ASP B 180 9.51 7.05 11.85
N LEU B 181 9.97 7.25 10.62
CA LEU B 181 9.39 8.28 9.75
C LEU B 181 8.68 7.70 8.53
N GLY B 182 9.23 6.60 8.01
CA GLY B 182 8.68 5.96 6.83
C GLY B 182 7.24 5.52 7.01
N ILE B 183 6.86 5.25 8.24
CA ILE B 183 5.48 4.85 8.54
C ILE B 183 4.46 5.94 8.19
N TYR B 184 4.87 7.21 8.20
CA TYR B 184 3.92 8.27 7.81
C TYR B 184 3.51 8.20 6.33
N PRO B 185 4.48 8.18 5.38
CA PRO B 185 4.03 8.03 3.99
C PRO B 185 3.29 6.71 3.75
N LEU B 186 3.66 5.65 4.47
CA LEU B 186 2.93 4.39 4.30
C LEU B 186 1.49 4.53 4.73
N TYR B 187 1.27 5.18 5.88
CA TYR B 187 -0.09 5.41 6.37
C TYR B 187 -0.88 6.30 5.43
N ALA B 188 -0.22 7.30 4.87
CA ALA B 188 -0.83 8.18 3.87
C ALA B 188 -1.28 7.38 2.65
N ALA B 189 -0.41 6.50 2.17
CA ALA B 189 -0.74 5.67 1.00
C ALA B 189 -1.90 4.71 1.30
N VAL B 190 -1.91 4.12 2.49
CA VAL B 190 -2.96 3.19 2.87
C VAL B 190 -4.28 3.93 3.05
N ARG B 191 -4.22 5.10 3.68
CA ARG B 191 -5.39 5.95 3.85
C ARG B 191 -6.07 6.27 2.52
N LEU B 192 -5.28 6.60 1.50
CA LEU B 192 -5.85 7.07 0.25
C LEU B 192 -6.09 5.96 -0.77
N PHE B 193 -5.22 4.95 -0.77
CA PHE B 193 -5.20 3.94 -1.84
C PHE B 193 -5.47 2.51 -1.33
N GLY B 194 -5.46 2.30 -0.02
CA GLY B 194 -5.60 0.95 0.53
C GLY B 194 -4.30 0.18 0.46
N LYS B 195 -4.35 -1.14 0.67
CA LYS B 195 -3.11 -1.89 0.70
C LYS B 195 -2.55 -2.17 -0.69
N ALA B 196 -1.24 -1.98 -0.83
CA ALA B 196 -0.55 -2.29 -2.08
C ALA B 196 -0.44 -3.82 -2.25
N ASN B 197 -0.24 -4.27 -3.48
CA ASN B 197 -0.08 -5.69 -3.74
C ASN B 197 1.31 -6.18 -3.39
N ASP B 198 2.29 -5.31 -3.50
CA ASP B 198 3.66 -5.67 -3.13
C ASP B 198 4.42 -4.41 -2.70
N ALA B 199 5.61 -4.58 -2.13
CA ALA B 199 6.42 -3.43 -1.78
C ALA B 199 7.89 -3.81 -1.80
N THR B 200 8.75 -2.83 -2.09
CA THR B 200 10.20 -3.06 -1.99
C THR B 200 10.82 -1.86 -1.28
N TYR B 201 12.02 -2.04 -0.76
CA TYR B 201 12.74 -0.97 -0.05
C TYR B 201 14.21 -1.30 -0.07
N HIS B 202 15.03 -0.28 -0.29
CA HIS B 202 16.48 -0.44 -0.23
C HIS B 202 17.02 0.73 0.58
N ALA B 203 17.85 0.44 1.57
CA ALA B 203 18.28 1.45 2.55
C ALA B 203 19.80 1.61 2.65
N GLN B 204 20.24 2.74 3.18
CA GLN B 204 21.62 2.91 3.62
C GLN B 204 21.62 2.54 5.10
N GLN B 205 22.46 1.60 5.46
CA GLN B 205 22.37 0.96 6.78
C GLN B 205 23.59 1.08 7.66
N LEU B 206 23.35 1.17 8.97
CA LEU B 206 24.42 1.04 9.94
C LEU B 206 24.85 -0.43 10.03
N ASP B 207 25.97 -0.70 10.70
CA ASP B 207 26.46 -2.06 10.88
C ASP B 207 25.44 -3.01 11.52
N ASN B 208 24.50 -2.48 12.31
CA ASN B 208 23.47 -3.31 12.94
C ASN B 208 22.25 -3.53 12.05
N SER B 209 22.36 -3.05 10.81
CA SER B 209 21.37 -3.23 9.74
C SER B 209 20.27 -2.17 9.78
N ILE B 210 20.28 -1.31 10.80
CA ILE B 210 19.26 -0.26 10.91
C ILE B 210 19.45 0.79 9.82
N ASP B 211 18.35 1.23 9.23
CA ASP B 211 18.41 2.17 8.10
C ASP B 211 18.48 3.65 8.50
N LEU B 212 19.48 4.36 7.97
CA LEU B 212 19.61 5.80 8.11
C LEU B 212 18.68 6.51 7.14
N ASN B 213 18.57 5.96 5.93
CA ASN B 213 17.62 6.44 4.94
C ASN B 213 17.37 5.35 3.93
N GLY B 214 16.33 5.52 3.13
CA GLY B 214 16.00 4.53 2.12
C GLY B 214 14.92 4.95 1.16
N ASP B 215 14.85 4.22 0.05
CA ASP B 215 13.86 4.45 -0.99
C ASP B 215 13.15 3.14 -1.26
N GLY B 216 11.83 3.21 -1.36
CA GLY B 216 11.04 2.04 -1.71
C GLY B 216 9.88 2.35 -2.65
N ILE B 217 9.16 1.30 -3.05
CA ILE B 217 8.01 1.43 -3.94
C ILE B 217 6.86 0.53 -3.44
N LEU B 218 5.66 1.08 -3.41
CA LEU B 218 4.43 0.33 -3.17
C LEU B 218 3.80 0.06 -4.52
N PHE B 219 3.58 -1.22 -4.83
CA PHE B 219 3.00 -1.59 -6.12
C PHE B 219 1.51 -1.84 -6.05
N TYR B 220 0.76 -1.10 -6.85
CA TYR B 220 -0.69 -1.22 -6.95
C TYR B 220 -1.02 -1.75 -8.34
N PRO B 221 -2.27 -2.18 -8.57
CA PRO B 221 -2.58 -2.79 -9.87
C PRO B 221 -2.23 -1.90 -11.06
N ASP B 222 -2.56 -0.61 -11.01
CA ASP B 222 -2.36 0.24 -12.18
C ASP B 222 -1.39 1.41 -11.99
N TYR B 223 -0.70 1.42 -10.85
CA TYR B 223 0.29 2.46 -10.57
C TYR B 223 1.22 2.07 -9.43
N GLN B 224 2.25 2.89 -9.21
CA GLN B 224 3.16 2.68 -8.08
C GLN B 224 3.38 3.96 -7.30
N VAL B 225 3.81 3.81 -6.05
CA VAL B 225 4.06 4.93 -5.15
C VAL B 225 5.48 4.86 -4.61
N HIS B 226 6.29 5.85 -4.95
CA HIS B 226 7.61 5.96 -4.38
C HIS B 226 7.51 6.47 -2.93
N ILE B 227 8.26 5.84 -2.04
CA ILE B 227 8.31 6.19 -0.62
C ILE B 227 9.75 6.51 -0.30
N LYS B 228 10.01 7.68 0.29
CA LYS B 228 11.35 7.97 0.79
C LYS B 228 11.33 8.28 2.29
N ALA B 229 12.22 7.66 3.05
CA ALA B 229 12.37 7.91 4.50
C ALA B 229 13.82 8.23 4.83
N GLY B 230 14.05 9.11 5.82
CA GLY B 230 15.41 9.45 6.20
C GLY B 230 15.54 10.13 7.57
N LYS B 231 16.65 9.85 8.24
CA LYS B 231 16.94 10.44 9.56
C LYS B 231 18.31 11.10 9.64
N ASN B 232 19.17 10.81 8.66
CA ASN B 232 20.49 11.48 8.60
C ASN B 232 20.52 12.48 7.43
N ILE B 233 19.36 12.70 6.85
CA ILE B 233 19.19 13.66 5.75
C ILE B 233 17.88 14.44 5.91
N THR B 234 17.82 15.65 5.33
CA THR B 234 16.59 16.44 5.35
C THR B 234 16.08 16.66 3.95
N SER B 235 14.85 16.22 3.68
CA SER B 235 14.20 16.50 2.40
C SER B 235 13.06 17.49 2.60
N ASN B 236 12.90 18.39 1.62
CA ASN B 236 11.77 19.31 1.60
C ASN B 236 10.94 19.10 0.34
N LEU B 237 11.11 17.95 -0.30
CA LEU B 237 10.30 17.64 -1.49
C LEU B 237 8.80 17.64 -1.12
N PRO B 238 7.96 18.24 -1.97
CA PRO B 238 6.50 18.09 -1.80
C PRO B 238 6.08 16.67 -2.11
N CYS B 239 4.86 16.31 -1.73
CA CYS B 239 4.33 15.00 -2.07
C CYS B 239 3.33 15.14 -3.23
N GLU B 240 3.44 14.27 -4.23
CA GLU B 240 2.63 14.38 -5.43
C GLU B 240 1.75 13.17 -5.60
N ILE B 241 0.53 13.40 -6.06
CA ILE B 241 -0.29 12.28 -6.56
C ILE B 241 -0.65 12.58 -8.01
N TYR B 242 -0.32 11.65 -8.92
CA TYR B 242 -0.59 11.86 -10.35
C TYR B 242 -1.92 11.27 -10.75
N THR B 243 -2.69 12.00 -11.57
CA THR B 243 -3.93 11.49 -12.14
C THR B 243 -3.90 11.63 -13.67
N THR B 244 -4.90 11.09 -14.36
CA THR B 244 -4.90 11.14 -15.81
C THR B 244 -4.97 12.57 -16.32
N ASP B 245 -5.52 13.44 -15.48
CA ASP B 245 -5.77 14.83 -15.87
C ASP B 245 -4.88 15.88 -15.18
N GLY B 246 -3.94 15.44 -14.35
CA GLY B 246 -3.06 16.41 -13.71
C GLY B 246 -2.27 15.88 -12.53
N THR B 247 -1.82 16.79 -11.67
CA THR B 247 -1.03 16.44 -10.51
C THR B 247 -1.56 17.15 -9.25
N LEU B 248 -1.84 16.37 -8.21
CA LEU B 248 -2.15 16.96 -6.91
C LEU B 248 -0.88 17.09 -6.09
N THR B 249 -0.60 18.30 -5.64
CA THR B 249 0.59 18.59 -4.84
C THR B 249 0.23 18.91 -3.39
N LEU B 250 0.76 18.09 -2.47
CA LEU B 250 0.60 18.30 -1.03
C LEU B 250 1.93 18.78 -0.49
N ASN B 251 1.93 19.77 0.41
CA ASN B 251 3.21 20.25 0.89
C ASN B 251 3.94 19.13 1.66
N THR B 252 3.18 18.32 2.40
CA THR B 252 3.70 17.15 3.10
C THR B 252 2.60 16.08 3.13
N ILE B 253 2.89 14.93 3.74
CA ILE B 253 1.81 13.98 4.03
C ILE B 253 1.55 13.86 5.54
N GLU B 254 2.10 14.82 6.31
CA GLU B 254 1.87 14.88 7.76
C GLU B 254 1.72 16.32 8.20
N HIS B 255 0.74 16.57 9.08
CA HIS B 255 0.34 17.92 9.47
C HIS B 255 0.19 18.78 8.21
N ILE B 256 -0.56 18.25 7.25
CA ILE B 256 -0.71 18.85 5.93
C ILE B 256 -1.21 20.29 5.98
N ARG B 257 -0.54 21.17 5.27
CA ARG B 257 -0.91 22.58 5.24
C ARG B 257 -1.62 22.98 3.94
N SER B 258 -1.16 22.44 2.81
CA SER B 258 -1.77 22.82 1.54
C SER B 258 -1.93 21.65 0.56
N ALA B 259 -2.98 21.70 -0.24
CA ALA B 259 -3.19 20.69 -1.28
C ALA B 259 -3.74 21.37 -2.54
N ILE B 260 -2.96 21.34 -3.62
CA ILE B 260 -3.34 22.05 -4.84
C ILE B 260 -3.29 21.12 -6.06
N PHE B 261 -4.38 21.05 -6.80
CA PHE B 261 -4.43 20.25 -8.02
C PHE B 261 -4.15 21.13 -9.24
N THR B 262 -3.24 20.71 -10.11
CA THR B 262 -2.95 21.44 -11.34
C THR B 262 -3.19 20.54 -12.53
N ASP B 263 -4.06 20.93 -13.47
CA ASP B 263 -4.32 20.06 -14.62
C ASP B 263 -3.31 20.26 -15.74
N HIS B 264 -3.49 19.54 -16.84
CA HIS B 264 -2.51 19.55 -17.93
C HIS B 264 -2.65 20.80 -18.80
N GLN B 265 -3.60 21.66 -18.46
CA GLN B 265 -3.69 22.98 -19.10
C GLN B 265 -3.30 24.07 -18.12
N GLY B 266 -2.85 23.67 -16.93
CA GLY B 266 -2.35 24.63 -15.96
C GLY B 266 -3.39 25.30 -15.09
N ASN B 267 -4.63 24.83 -15.17
CA ASN B 267 -5.64 25.31 -14.23
C ASN B 267 -5.37 24.74 -12.85
N GLN B 268 -5.61 25.53 -11.81
CA GLN B 268 -5.31 25.08 -10.45
C GLN B 268 -6.56 25.06 -9.62
N VAL B 269 -6.70 24.02 -8.81
CA VAL B 269 -7.80 23.90 -7.88
C VAL B 269 -7.20 23.78 -6.49
N GLN B 270 -7.48 24.74 -5.62
CA GLN B 270 -6.99 24.68 -4.24
C GLN B 270 -7.97 23.91 -3.36
N LEU B 271 -7.51 22.85 -2.72
CA LEU B 271 -8.38 22.08 -1.84
C LEU B 271 -8.43 22.81 -0.50
N PRO B 272 -9.61 22.81 0.15
CA PRO B 272 -9.70 23.50 1.43
C PRO B 272 -9.04 22.68 2.56
N ILE B 273 -7.81 23.04 2.93
CA ILE B 273 -7.12 22.38 4.02
C ILE B 273 -7.08 23.34 5.21
N GLN B 274 -7.52 22.88 6.39
CA GLN B 274 -7.44 23.71 7.59
C GLN B 274 -6.54 23.02 8.62
N GLN B 275 -5.25 23.32 8.53
CA GLN B 275 -4.22 22.68 9.33
C GLN B 275 -4.48 22.92 10.81
N ALA B 276 -4.40 21.86 11.61
CA ALA B 276 -4.67 21.95 13.04
C ALA B 276 -3.56 22.74 13.73
N PRO B 277 -3.88 23.37 14.88
CA PRO B 277 -2.86 24.10 15.62
C PRO B 277 -1.70 23.19 16.05
N HIS B 278 -1.99 21.91 16.24
CA HIS B 278 -0.94 20.98 16.63
C HIS B 278 -1.04 19.64 15.90
N THR B 279 0.08 18.93 15.85
CA THR B 279 0.15 17.72 15.04
C THR B 279 -0.78 16.62 15.53
N MET B 280 -1.12 16.66 16.82
CA MET B 280 -1.88 15.58 17.41
C MET B 280 -3.34 15.91 17.68
N THR B 281 -3.72 17.16 17.44
CA THR B 281 -5.08 17.63 17.71
C THR B 281 -6.15 16.68 17.19
N GLU B 282 -6.03 16.32 15.92
CA GLU B 282 -7.06 15.56 15.25
C GLU B 282 -7.19 14.12 15.75
N GLU B 283 -6.06 13.41 15.90
CA GLU B 283 -6.13 12.04 16.42
C GLU B 283 -6.67 12.01 17.85
N VAL B 284 -6.31 13.00 18.66
CA VAL B 284 -6.75 13.05 20.05
C VAL B 284 -8.27 13.22 20.13
N ALA B 285 -8.82 14.05 19.24
CA ALA B 285 -10.26 14.23 19.19
C ALA B 285 -10.94 12.95 18.71
N ALA B 286 -10.39 12.33 17.67
CA ALA B 286 -10.95 11.10 17.10
C ALA B 286 -10.99 9.95 18.11
N PHE B 287 -9.91 9.76 18.87
CA PHE B 287 -9.88 8.67 19.83
C PHE B 287 -10.90 8.88 20.95
N ALA B 288 -11.00 10.12 21.43
CA ALA B 288 -11.97 10.42 22.49
C ALA B 288 -13.38 10.24 21.96
N HIS B 289 -13.61 10.69 20.73
CA HIS B 289 -14.93 10.55 20.12
C HIS B 289 -15.28 9.08 19.90
N MET B 290 -14.31 8.27 19.52
CA MET B 290 -14.55 6.83 19.34
C MET B 290 -14.95 6.15 20.64
N ILE B 291 -14.27 6.49 21.73
CA ILE B 291 -14.60 5.88 23.02
C ILE B 291 -15.98 6.34 23.53
N GLN B 292 -16.29 7.62 23.36
CA GLN B 292 -17.52 8.18 23.90
CA GLN B 292 -17.53 8.16 23.91
C GLN B 292 -18.75 7.91 23.03
N GLN B 293 -18.56 7.97 21.71
CA GLN B 293 -19.65 7.77 20.75
C GLN B 293 -19.15 6.89 19.62
N PRO B 294 -18.98 5.60 19.89
CA PRO B 294 -18.30 4.71 18.93
C PRO B 294 -19.03 4.52 17.60
N ASP B 295 -18.26 4.51 16.54
CA ASP B 295 -18.71 4.02 15.25
C ASP B 295 -17.80 2.80 15.07
N LEU B 296 -18.30 1.62 15.38
CA LEU B 296 -17.42 0.44 15.48
C LEU B 296 -16.94 -0.03 14.11
N ASN B 297 -17.72 0.25 13.06
CA ASN B 297 -17.29 -0.12 11.71
C ASN B 297 -16.08 0.70 11.32
N LEU B 298 -16.11 1.98 11.67
CA LEU B 298 -14.95 2.85 11.42
C LEU B 298 -13.74 2.38 12.24
N TYR B 299 -14.00 2.00 13.49
CA TYR B 299 -12.94 1.47 14.35
C TYR B 299 -12.28 0.25 13.70
N GLN B 300 -13.09 -0.60 13.10
CA GLN B 300 -12.54 -1.80 12.46
C GLN B 300 -11.68 -1.43 11.26
N THR B 301 -12.09 -0.40 10.52
CA THR B 301 -11.30 0.08 9.41
C THR B 301 -9.95 0.61 9.91
N TRP B 302 -9.96 1.33 11.03
CA TRP B 302 -8.71 1.77 11.61
C TRP B 302 -7.79 0.58 11.93
N LEU B 303 -8.35 -0.46 12.53
CA LEU B 303 -7.55 -1.68 12.84
C LEU B 303 -7.03 -2.38 11.60
N TYR B 304 -7.84 -2.44 10.56
CA TYR B 304 -7.47 -3.12 9.33
C TYR B 304 -6.35 -2.35 8.65
N ASP B 305 -6.54 -1.04 8.53
CA ASP B 305 -5.54 -0.20 7.87
C ASP B 305 -4.20 -0.23 8.58
N ALA B 306 -4.19 -0.22 9.93
CA ALA B 306 -2.94 -0.42 10.66
C ALA B 306 -2.31 -1.76 10.29
N GLY B 307 -3.13 -2.81 10.19
CA GLY B 307 -2.59 -4.11 9.81
C GLY B 307 -1.93 -4.03 8.43
N SER B 308 -2.57 -3.32 7.50
CA SER B 308 -2.02 -3.13 6.16
C SER B 308 -0.67 -2.41 6.23
N VAL B 309 -0.61 -1.32 7.01
CA VAL B 309 0.63 -0.59 7.18
C VAL B 309 1.76 -1.49 7.70
N HIS B 310 1.51 -2.22 8.78
CA HIS B 310 2.58 -3.03 9.34
C HIS B 310 3.01 -4.21 8.46
N GLU B 311 2.09 -4.74 7.66
CA GLU B 311 2.45 -5.75 6.68
C GLU B 311 3.43 -5.17 5.64
N LEU B 312 3.15 -3.95 5.19
CA LEU B 312 4.02 -3.31 4.20
C LEU B 312 5.36 -2.99 4.85
N LEU B 313 5.33 -2.41 6.05
CA LEU B 313 6.56 -2.18 6.81
C LEU B 313 7.43 -3.42 6.89
N TYR B 314 6.83 -4.54 7.30
CA TYR B 314 7.58 -5.78 7.51
C TYR B 314 8.13 -6.31 6.20
N THR B 315 7.34 -6.22 5.14
CA THR B 315 7.80 -6.65 3.81
C THR B 315 9.01 -5.81 3.40
N MET B 316 8.92 -4.50 3.63
CA MET B 316 9.99 -3.59 3.27
C MET B 316 11.26 -3.82 4.08
N ARG B 317 11.14 -4.02 5.39
CA ARG B 317 12.33 -4.40 6.17
C ARG B 317 13.00 -5.66 5.64
N GLN B 318 12.21 -6.64 5.24
CA GLN B 318 12.77 -7.88 4.72
C GLN B 318 13.55 -7.67 3.43
N THR B 319 13.00 -6.90 2.48
CA THR B 319 13.72 -6.67 1.22
C THR B 319 15.01 -5.88 1.46
N ALA B 320 15.00 -4.96 2.42
CA ALA B 320 16.18 -4.12 2.71
C ALA B 320 17.21 -4.79 3.62
N GLY B 321 16.79 -5.86 4.28
CA GLY B 321 17.69 -6.56 5.18
C GLY B 321 17.79 -5.88 6.53
N ILE B 322 16.72 -5.20 6.95
CA ILE B 322 16.68 -4.52 8.23
C ILE B 322 16.14 -5.50 9.25
N ARG B 323 17.00 -5.91 10.18
CA ARG B 323 16.68 -6.99 11.12
C ARG B 323 16.87 -6.54 12.56
N PHE B 324 15.87 -6.77 13.38
CA PHE B 324 15.95 -6.39 14.78
C PHE B 324 16.64 -7.50 15.57
N GLU B 325 17.13 -7.16 16.76
CA GLU B 325 17.86 -8.11 17.60
C GLU B 325 17.09 -9.41 17.82
N ALA B 326 15.79 -9.30 18.07
CA ALA B 326 14.97 -10.48 18.32
C ALA B 326 14.84 -11.39 17.09
N GLU B 327 15.04 -10.81 15.91
CA GLU B 327 14.85 -11.56 14.67
C GLU B 327 16.13 -12.21 14.19
N LYS B 328 17.24 -11.92 14.87
CA LYS B 328 18.55 -12.42 14.45
C LYS B 328 18.93 -13.68 15.17
N ALA C 3 -0.81 -30.34 -2.30
CA ALA C 3 -1.95 -29.57 -2.80
C ALA C 3 -3.24 -29.89 -2.06
N MET C 4 -3.76 -31.10 -2.26
CA MET C 4 -5.08 -31.47 -1.73
C MET C 4 -5.16 -31.49 -0.22
N LEU C 5 -6.14 -30.79 0.34
CA LEU C 5 -6.36 -30.84 1.77
C LEU C 5 -7.05 -32.14 2.18
N LYS C 6 -6.41 -32.89 3.08
CA LYS C 6 -7.00 -34.09 3.62
C LYS C 6 -8.02 -33.72 4.69
N LEU C 7 -9.25 -34.16 4.48
CA LEU C 7 -10.40 -33.74 5.29
C LEU C 7 -10.93 -34.79 6.26
N GLY C 8 -11.04 -34.43 7.53
CA GLY C 8 -11.73 -35.25 8.52
C GLY C 8 -13.06 -34.63 8.86
N VAL C 9 -14.07 -35.45 9.19
CA VAL C 9 -15.41 -34.90 9.49
C VAL C 9 -15.99 -35.42 10.82
N ILE C 10 -16.57 -34.50 11.59
CA ILE C 10 -17.34 -34.84 12.79
C ILE C 10 -18.80 -34.44 12.55
N GLY C 11 -19.73 -35.36 12.80
CA GLY C 11 -21.14 -35.11 12.54
C GLY C 11 -21.56 -35.88 11.29
N THR C 12 -22.60 -36.71 11.43
CA THR C 12 -23.04 -37.55 10.31
C THR C 12 -24.43 -37.16 9.83
N GLY C 13 -24.74 -35.87 9.88
CA GLY C 13 -26.02 -35.39 9.39
C GLY C 13 -25.95 -35.09 7.91
N ALA C 14 -27.10 -34.82 7.31
CA ALA C 14 -27.15 -34.47 5.89
C ALA C 14 -26.23 -33.30 5.56
N ILE C 15 -26.08 -32.37 6.49
CA ILE C 15 -25.22 -31.20 6.27
C ILE C 15 -23.78 -31.60 5.97
N SER C 16 -23.31 -32.67 6.62
CA SER C 16 -21.95 -33.16 6.40
C SER C 16 -21.78 -33.69 4.97
N HIS C 17 -22.79 -34.37 4.45
CA HIS C 17 -22.77 -34.84 3.07
C HIS C 17 -22.72 -33.67 2.09
N HIS C 18 -23.56 -32.67 2.33
CA HIS C 18 -23.56 -31.46 1.51
C HIS C 18 -22.18 -30.81 1.52
N PHE C 19 -21.59 -30.65 2.71
CA PHE C 19 -20.25 -30.10 2.79
C PHE C 19 -19.22 -30.90 2.00
N ILE C 20 -19.16 -32.20 2.27
CA ILE C 20 -18.23 -33.06 1.58
C ILE C 20 -18.40 -32.95 0.05
N GLU C 21 -19.63 -32.86 -0.42
CA GLU C 21 -19.85 -32.78 -1.86
C GLU C 21 -19.28 -31.47 -2.44
N ALA C 22 -19.49 -30.37 -1.75
CA ALA C 22 -18.92 -29.09 -2.19
C ALA C 22 -17.40 -29.13 -2.12
N ALA C 23 -16.86 -29.67 -1.03
CA ALA C 23 -15.41 -29.80 -0.87
C ALA C 23 -14.78 -30.62 -2.00
N HIS C 24 -15.36 -31.78 -2.29
CA HIS C 24 -14.88 -32.61 -3.38
C HIS C 24 -15.01 -31.92 -4.74
N THR C 25 -16.18 -31.32 -5.00
CA THR C 25 -16.43 -30.64 -6.27
C THR C 25 -15.42 -29.50 -6.50
N SER C 26 -15.03 -28.82 -5.43
CA SER C 26 -14.03 -27.76 -5.50
C SER C 26 -12.70 -28.27 -6.06
N GLY C 27 -12.37 -29.53 -5.79
CA GLY C 27 -11.12 -30.11 -6.24
C GLY C 27 -9.96 -29.84 -5.29
N GLU C 28 -10.25 -29.25 -4.14
CA GLU C 28 -9.21 -28.83 -3.21
C GLU C 28 -9.19 -29.66 -1.92
N TYR C 29 -10.17 -30.55 -1.78
CA TYR C 29 -10.30 -31.39 -0.58
C TYR C 29 -10.48 -32.86 -0.93
N GLN C 30 -10.05 -33.74 -0.04
CA GLN C 30 -10.35 -35.16 -0.17
C GLN C 30 -10.71 -35.73 1.21
N LEU C 31 -11.90 -36.31 1.32
CA LEU C 31 -12.34 -36.92 2.58
C LEU C 31 -11.42 -38.09 2.89
N VAL C 32 -10.93 -38.19 4.11
CA VAL C 32 -10.10 -39.34 4.51
C VAL C 32 -10.56 -40.01 5.80
N ALA C 33 -11.36 -39.31 6.60
CA ALA C 33 -11.74 -39.79 7.93
C ALA C 33 -13.08 -39.29 8.45
N ILE C 34 -13.80 -40.17 9.13
CA ILE C 34 -15.06 -39.83 9.78
C ILE C 34 -15.04 -40.28 11.24
N TYR C 35 -15.50 -39.40 12.12
CA TYR C 35 -15.71 -39.75 13.52
C TYR C 35 -17.21 -39.82 13.79
N SER C 36 -17.63 -40.80 14.60
CA SER C 36 -19.01 -40.86 15.07
C SER C 36 -19.03 -41.44 16.46
N ARG C 37 -20.07 -41.14 17.24
CA ARG C 37 -20.22 -41.75 18.55
C ARG C 37 -20.23 -43.26 18.47
N LYS C 38 -20.63 -43.80 17.32
CA LYS C 38 -20.46 -45.24 17.07
C LYS C 38 -20.02 -45.60 15.63
N LEU C 39 -19.26 -46.69 15.52
CA LEU C 39 -18.67 -47.09 14.25
C LEU C 39 -19.69 -47.40 13.17
N GLU C 40 -20.80 -48.03 13.58
CA GLU C 40 -21.84 -48.40 12.63
C GLU C 40 -22.42 -47.15 11.95
N THR C 41 -22.67 -46.11 12.74
CA THR C 41 -23.18 -44.85 12.22
C THR C 41 -22.19 -44.29 11.20
N ALA C 42 -20.91 -44.35 11.54
CA ALA C 42 -19.88 -43.83 10.65
C ALA C 42 -19.81 -44.65 9.36
N ALA C 43 -19.91 -45.97 9.51
CA ALA C 43 -19.85 -46.87 8.36
C ALA C 43 -21.00 -46.59 7.39
N THR C 44 -22.21 -46.45 7.93
CA THR C 44 -23.37 -46.13 7.11
C THR C 44 -23.17 -44.80 6.39
N PHE C 45 -22.69 -43.79 7.12
CA PHE C 45 -22.46 -42.48 6.54
C PHE C 45 -21.39 -42.54 5.45
N ALA C 46 -20.33 -43.31 5.70
CA ALA C 46 -19.20 -43.38 4.78
C ALA C 46 -19.46 -44.22 3.54
N SER C 47 -20.54 -44.99 3.54
CA SER C 47 -20.75 -46.03 2.54
C SER C 47 -20.61 -45.53 1.10
N ARG C 48 -21.14 -44.34 0.84
CA ARG C 48 -21.12 -43.78 -0.51
C ARG C 48 -19.73 -43.37 -0.97
N TYR C 49 -18.82 -43.19 -0.02
CA TYR C 49 -17.45 -42.81 -0.35
C TYR C 49 -16.53 -44.03 -0.45
N GLN C 50 -15.24 -43.79 -0.67
CA GLN C 50 -14.25 -44.87 -0.77
C GLN C 50 -13.00 -44.56 0.05
N ASN C 51 -12.44 -45.59 0.69
CA ASN C 51 -11.16 -45.47 1.42
C ASN C 51 -11.22 -44.45 2.56
N ILE C 52 -12.26 -44.56 3.39
CA ILE C 52 -12.43 -43.66 4.51
C ILE C 52 -12.18 -44.37 5.84
N GLN C 53 -11.28 -43.82 6.66
CA GLN C 53 -11.03 -44.38 7.97
C GLN C 53 -12.14 -43.96 8.94
N LEU C 54 -12.58 -44.91 9.77
CA LEU C 54 -13.66 -44.64 10.72
C LEU C 54 -13.11 -44.58 12.15
N PHE C 55 -13.64 -43.66 12.94
CA PHE C 55 -13.21 -43.53 14.32
C PHE C 55 -14.41 -43.40 15.24
N ASP C 56 -14.34 -43.98 16.42
CA ASP C 56 -15.38 -43.71 17.42
C ASP C 56 -14.79 -43.12 18.69
N GLN C 57 -13.53 -42.71 18.62
CA GLN C 57 -12.90 -42.01 19.75
C GLN C 57 -12.21 -40.75 19.25
N LEU C 58 -12.61 -39.61 19.82
CA LEU C 58 -12.11 -38.32 19.38
C LEU C 58 -10.60 -38.21 19.54
N GLU C 59 -10.08 -38.71 20.66
CA GLU C 59 -8.64 -38.65 20.92
C GLU C 59 -7.86 -39.36 19.81
N VAL C 60 -8.33 -40.53 19.39
CA VAL C 60 -7.66 -41.28 18.32
C VAL C 60 -7.84 -40.58 16.97
N PHE C 61 -9.07 -40.11 16.73
CA PHE C 61 -9.43 -39.36 15.53
C PHE C 61 -8.45 -38.21 15.25
N PHE C 62 -8.16 -37.43 16.28
CA PHE C 62 -7.28 -36.26 16.15
C PHE C 62 -5.79 -36.61 15.99
N LYS C 63 -5.44 -37.89 16.19
CA LYS C 63 -4.07 -38.34 15.94
C LYS C 63 -3.91 -38.86 14.51
N SER C 64 -5.00 -38.87 13.77
CA SER C 64 -4.94 -39.23 12.34
C SER C 64 -4.20 -38.15 11.57
N SER C 65 -4.08 -38.34 10.26
CA SER C 65 -3.17 -37.53 9.44
C SER C 65 -3.81 -36.41 8.61
N PHE C 66 -5.12 -36.20 8.77
CA PHE C 66 -5.81 -35.20 7.97
C PHE C 66 -5.36 -33.77 8.31
N ASP C 67 -5.54 -32.86 7.35
CA ASP C 67 -5.08 -31.48 7.49
C ASP C 67 -6.07 -30.60 8.25
N LEU C 68 -7.35 -30.90 8.10
CA LEU C 68 -8.37 -30.08 8.70
C LEU C 68 -9.63 -30.87 8.93
N VAL C 69 -10.39 -30.46 9.92
CA VAL C 69 -11.63 -31.15 10.25
C VAL C 69 -12.80 -30.19 10.08
N TYR C 70 -13.89 -30.70 9.55
CA TYR C 70 -15.16 -29.99 9.47
C TYR C 70 -16.04 -30.54 10.57
N ILE C 71 -16.50 -29.65 11.45
CA ILE C 71 -17.23 -30.04 12.64
C ILE C 71 -18.69 -29.60 12.56
N ALA C 72 -19.58 -30.59 12.43
CA ALA C 72 -21.03 -30.33 12.33
C ALA C 72 -21.80 -31.16 13.35
N SER C 73 -21.29 -31.20 14.58
CA SER C 73 -21.99 -31.76 15.73
C SER C 73 -23.07 -30.78 16.22
N PRO C 74 -23.86 -31.15 17.26
CA PRO C 74 -24.78 -30.13 17.79
C PRO C 74 -24.05 -28.88 18.32
N ASN C 75 -24.71 -27.73 18.31
CA ASN C 75 -24.10 -26.45 18.71
C ASN C 75 -23.30 -26.45 20.03
N SER C 76 -23.86 -27.09 21.04
CA SER C 76 -23.27 -27.12 22.37
C SER C 76 -21.93 -27.85 22.42
N LEU C 77 -21.65 -28.66 21.41
CA LEU C 77 -20.42 -29.46 21.39
C LEU C 77 -19.34 -28.83 20.53
N HIS C 78 -19.68 -27.75 19.85
CA HIS C 78 -18.75 -27.14 18.91
C HIS C 78 -17.47 -26.67 19.58
N PHE C 79 -17.61 -25.90 20.66
CA PHE C 79 -16.44 -25.29 21.30
C PHE C 79 -15.42 -26.34 21.76
N ALA C 80 -15.88 -27.31 22.52
CA ALA C 80 -14.95 -28.31 23.08
C ALA C 80 -14.27 -29.17 22.02
N GLN C 81 -15.01 -29.56 20.99
CA GLN C 81 -14.43 -30.37 19.91
C GLN C 81 -13.44 -29.54 19.07
N ALA C 82 -13.80 -28.29 18.78
CA ALA C 82 -12.94 -27.40 18.01
C ALA C 82 -11.64 -27.14 18.76
N LYS C 83 -11.75 -26.91 20.06
CA LYS C 83 -10.56 -26.63 20.88
C LYS C 83 -9.62 -27.84 20.91
N ALA C 84 -10.21 -29.03 20.99
CA ALA C 84 -9.41 -30.25 20.97
C ALA C 84 -8.73 -30.43 19.61
N ALA C 85 -9.45 -30.11 18.54
CA ALA C 85 -8.89 -30.25 17.20
C ALA C 85 -7.70 -29.29 17.01
N LEU C 86 -7.89 -28.03 17.39
CA LEU C 86 -6.82 -27.05 17.31
C LEU C 86 -5.60 -27.47 18.14
N SER C 87 -5.84 -27.99 19.35
CA SER C 87 -4.75 -28.45 20.21
C SER C 87 -4.03 -29.66 19.63
N ALA C 88 -4.67 -30.34 18.70
CA ALA C 88 -4.08 -31.51 18.05
C ALA C 88 -3.44 -31.11 16.73
N GLY C 89 -3.41 -29.81 16.46
CA GLY C 89 -2.73 -29.29 15.28
C GLY C 89 -3.52 -29.38 13.99
N LYS C 90 -4.84 -29.39 14.10
CA LYS C 90 -5.71 -29.48 12.93
C LYS C 90 -6.34 -28.12 12.65
N HIS C 91 -6.48 -27.77 11.36
CA HIS C 91 -7.28 -26.61 10.98
C HIS C 91 -8.74 -27.01 11.20
N VAL C 92 -9.60 -26.03 11.46
CA VAL C 92 -11.00 -26.31 11.77
C VAL C 92 -11.93 -25.43 10.94
N ILE C 93 -12.90 -26.06 10.27
CA ILE C 93 -14.07 -25.36 9.75
C ILE C 93 -15.19 -25.78 10.68
N LEU C 94 -15.76 -24.82 11.40
CA LEU C 94 -16.71 -25.13 12.46
C LEU C 94 -18.07 -24.62 12.02
N GLU C 95 -19.09 -25.48 12.02
CA GLU C 95 -20.42 -25.05 11.58
C GLU C 95 -21.01 -23.92 12.44
N LYS C 96 -21.83 -23.09 11.82
CA LYS C 96 -22.59 -22.09 12.55
C LYS C 96 -23.68 -22.77 13.38
N PRO C 97 -24.01 -22.20 14.55
CA PRO C 97 -23.23 -21.14 15.21
C PRO C 97 -21.97 -21.75 15.84
N ALA C 98 -20.83 -21.08 15.69
CA ALA C 98 -19.56 -21.65 16.11
C ALA C 98 -19.49 -21.93 17.61
N VAL C 99 -20.00 -21.01 18.43
CA VAL C 99 -19.93 -21.13 19.88
C VAL C 99 -21.24 -20.65 20.47
N SER C 100 -21.37 -20.76 21.80
CA SER C 100 -22.59 -20.32 22.47
C SER C 100 -22.38 -19.05 23.28
N GLN C 101 -21.12 -18.65 23.48
CA GLN C 101 -20.78 -17.42 24.19
C GLN C 101 -19.52 -16.82 23.56
N PRO C 102 -19.41 -15.48 23.52
CA PRO C 102 -18.27 -14.90 22.79
C PRO C 102 -16.90 -15.25 23.40
N GLN C 103 -16.79 -15.42 24.71
CA GLN C 103 -15.49 -15.77 25.29
C GLN C 103 -14.99 -17.13 24.78
N GLU C 104 -15.91 -17.99 24.35
CA GLU C 104 -15.52 -19.25 23.73
C GLU C 104 -14.83 -19.00 22.40
N TRP C 105 -15.30 -18.01 21.66
CA TRP C 105 -14.72 -17.71 20.37
C TRP C 105 -13.30 -17.17 20.55
N PHE C 106 -13.14 -16.25 21.50
CA PHE C 106 -11.83 -15.67 21.75
C PHE C 106 -10.87 -16.76 22.24
N ASP C 107 -11.41 -17.69 23.03
CA ASP C 107 -10.58 -18.79 23.50
C ASP C 107 -10.12 -19.68 22.32
N LEU C 108 -11.03 -19.96 21.39
CA LEU C 108 -10.64 -20.72 20.21
C LEU C 108 -9.57 -19.98 19.40
N ILE C 109 -9.69 -18.68 19.27
CA ILE C 109 -8.69 -17.92 18.52
C ILE C 109 -7.33 -18.06 19.17
N GLN C 110 -7.29 -17.90 20.49
CA GLN C 110 -6.03 -18.03 21.24
C GLN C 110 -5.43 -19.42 21.02
N THR C 111 -6.28 -20.44 21.07
CA THR C 111 -5.81 -21.82 20.89
C THR C 111 -5.30 -22.04 19.46
N ALA C 112 -6.06 -21.57 18.48
CA ALA C 112 -5.69 -21.68 17.08
C ALA C 112 -4.33 -21.01 16.82
N GLU C 113 -4.21 -19.74 17.19
CA GLU C 113 -2.94 -19.02 16.95
C GLU C 113 -1.76 -19.67 17.65
N LYS C 114 -1.99 -20.17 18.85
CA LYS C 114 -0.94 -20.86 19.62
C LYS C 114 -0.44 -22.10 18.90
N ASN C 115 -1.34 -22.78 18.20
CA ASN C 115 -0.94 -24.02 17.52
C ASN C 115 -0.67 -23.81 16.03
N ASN C 116 -0.65 -22.55 15.62
CA ASN C 116 -0.48 -22.17 14.22
C ASN C 116 -1.45 -22.86 13.29
N CYS C 117 -2.74 -22.87 13.66
CA CYS C 117 -3.79 -23.42 12.81
C CYS C 117 -4.85 -22.38 12.57
N PHE C 118 -5.60 -22.56 11.48
CA PHE C 118 -6.73 -21.70 11.17
C PHE C 118 -7.98 -22.23 11.84
N ILE C 119 -8.81 -21.32 12.33
CA ILE C 119 -10.18 -21.64 12.73
C ILE C 119 -11.12 -20.81 11.84
N PHE C 120 -12.03 -21.49 11.13
CA PHE C 120 -13.01 -20.81 10.28
C PHE C 120 -14.45 -21.13 10.73
N GLU C 121 -15.26 -20.11 11.02
CA GLU C 121 -16.70 -20.38 11.22
C GLU C 121 -17.36 -20.54 9.86
N ALA C 122 -18.15 -21.58 9.69
CA ALA C 122 -18.70 -21.88 8.38
C ALA C 122 -19.92 -21.01 8.09
N ALA C 123 -19.69 -19.70 7.99
CA ALA C 123 -20.75 -18.74 7.70
C ALA C 123 -20.94 -18.64 6.20
N ARG C 124 -21.72 -19.56 5.65
CA ARG C 124 -21.76 -19.75 4.20
C ARG C 124 -22.22 -18.50 3.44
N ASN C 125 -23.15 -17.74 4.02
CA ASN C 125 -23.62 -16.53 3.33
C ASN C 125 -22.60 -15.41 3.32
N TYR C 126 -21.87 -15.26 4.42
CA TYR C 126 -20.82 -14.25 4.58
C TYR C 126 -19.76 -14.28 3.46
N HIS C 127 -19.50 -15.47 2.93
CA HIS C 127 -18.46 -15.61 1.91
C HIS C 127 -18.99 -15.51 0.47
N GLU C 128 -20.29 -15.30 0.30
CA GLU C 128 -20.86 -15.17 -1.04
C GLU C 128 -20.31 -13.95 -1.77
N LYS C 129 -19.97 -14.14 -3.05
CA LYS C 129 -19.50 -13.04 -3.89
C LYS C 129 -20.53 -11.90 -3.92
N ALA C 130 -21.80 -12.25 -3.83
CA ALA C 130 -22.87 -11.28 -3.83
C ALA C 130 -22.64 -10.16 -2.81
N PHE C 131 -22.17 -10.52 -1.62
CA PHE C 131 -21.91 -9.49 -0.59
C PHE C 131 -20.80 -8.50 -0.97
N THR C 132 -19.81 -8.98 -1.73
CA THR C 132 -18.76 -8.08 -2.24
C THR C 132 -19.35 -7.08 -3.22
N THR C 133 -20.17 -7.57 -4.14
CA THR C 133 -20.84 -6.71 -5.10
C THR C 133 -21.72 -5.71 -4.36
N ILE C 134 -22.48 -6.19 -3.37
CA ILE C 134 -23.40 -5.35 -2.64
C ILE C 134 -22.68 -4.27 -1.83
N LYS C 135 -21.62 -4.67 -1.13
CA LYS C 135 -20.85 -3.73 -0.31
C LYS C 135 -20.22 -2.65 -1.17
N ASN C 136 -19.65 -3.04 -2.31
CA ASN C 136 -19.10 -2.08 -3.26
C ASN C 136 -20.14 -1.09 -3.72
N PHE C 137 -21.35 -1.58 -3.98
CA PHE C 137 -22.43 -0.74 -4.48
C PHE C 137 -22.86 0.25 -3.43
N LEU C 138 -22.78 -0.15 -2.17
CA LEU C 138 -23.28 0.68 -1.07
C LEU C 138 -22.21 1.65 -0.58
N ALA C 139 -20.98 1.43 -1.01
CA ALA C 139 -19.83 2.17 -0.49
C ALA C 139 -19.90 3.69 -0.67
N ASP C 140 -20.62 4.15 -1.69
CA ASP C 140 -20.78 5.58 -1.86
C ASP C 140 -22.23 5.99 -1.65
N LYS C 141 -22.94 5.24 -0.82
CA LYS C 141 -24.28 5.63 -0.44
C LYS C 141 -24.31 5.78 1.07
N GLN C 142 -25.33 6.46 1.57
CA GLN C 142 -25.51 6.62 3.00
C GLN C 142 -26.69 5.76 3.40
N VAL C 143 -26.42 4.75 4.21
CA VAL C 143 -27.43 3.78 4.63
C VAL C 143 -28.36 4.42 5.67
N LEU C 144 -29.66 4.15 5.56
CA LEU C 144 -30.65 4.74 6.48
C LEU C 144 -31.31 3.69 7.37
N GLY C 145 -31.00 2.43 7.09
CA GLY C 145 -31.52 1.31 7.84
C GLY C 145 -31.55 0.07 6.98
N ALA C 146 -32.04 -1.02 7.56
CA ALA C 146 -32.19 -2.27 6.82
C ALA C 146 -33.18 -3.20 7.51
N ASP C 147 -33.69 -4.18 6.78
CA ASP C 147 -34.62 -5.14 7.35
C ASP C 147 -34.30 -6.52 6.78
N PHE C 148 -33.71 -7.38 7.62
CA PHE C 148 -33.24 -8.69 7.20
C PHE C 148 -34.00 -9.79 7.94
N ASN C 149 -34.21 -10.93 7.29
CA ASN C 149 -34.83 -12.07 7.96
C ASN C 149 -34.34 -13.43 7.48
N TYR C 150 -34.63 -14.46 8.28
CA TYR C 150 -34.49 -15.84 7.86
C TYR C 150 -35.40 -16.65 8.77
N ALA C 151 -36.52 -17.10 8.22
CA ALA C 151 -37.53 -17.82 8.98
C ALA C 151 -38.13 -18.90 8.08
N LYS C 152 -37.83 -20.16 8.41
CA LYS C 152 -38.36 -21.31 7.66
C LYS C 152 -38.91 -22.33 8.64
N TYR C 153 -40.02 -22.97 8.25
CA TYR C 153 -40.68 -23.96 9.08
C TYR C 153 -39.82 -25.22 9.18
N SER C 154 -39.38 -25.54 10.40
CA SER C 154 -38.41 -26.62 10.60
C SER C 154 -38.98 -27.99 10.27
N SER C 155 -38.14 -28.84 9.69
CA SER C 155 -38.50 -30.22 9.44
C SER C 155 -38.62 -30.97 10.77
N LYS C 156 -38.17 -30.33 11.84
CA LYS C 156 -38.21 -30.92 13.17
C LYS C 156 -39.49 -30.54 13.92
N MET C 157 -40.32 -29.69 13.30
CA MET C 157 -41.56 -29.26 13.96
C MET C 157 -42.50 -30.41 14.38
N PRO C 158 -42.73 -31.41 13.50
CA PRO C 158 -43.61 -32.49 13.94
C PRO C 158 -43.07 -33.24 15.16
N ASP C 159 -41.75 -33.40 15.27
CA ASP C 159 -41.17 -34.07 16.44
C ASP C 159 -41.43 -33.26 17.71
N LEU C 160 -41.29 -31.94 17.59
CA LEU C 160 -41.55 -31.02 18.68
C LEU C 160 -43.01 -31.11 19.13
N LEU C 161 -43.91 -30.99 18.17
CA LEU C 161 -45.35 -31.02 18.45
C LEU C 161 -45.84 -32.36 18.99
N ALA C 162 -45.10 -33.43 18.70
CA ALA C 162 -45.49 -34.76 19.16
C ALA C 162 -45.08 -34.95 20.61
N GLY C 163 -44.25 -34.03 21.10
CA GLY C 163 -43.86 -34.06 22.49
C GLY C 163 -42.40 -34.36 22.72
N GLN C 164 -41.67 -34.54 21.62
CA GLN C 164 -40.23 -34.77 21.72
C GLN C 164 -39.54 -33.43 21.75
N THR C 165 -38.27 -33.41 22.16
CA THR C 165 -37.48 -32.19 22.09
C THR C 165 -36.29 -32.43 21.19
N PRO C 166 -36.42 -32.10 19.90
CA PRO C 166 -35.30 -32.15 18.96
C PRO C 166 -34.15 -31.30 19.49
N ASN C 167 -32.91 -31.70 19.19
CA ASN C 167 -31.73 -30.94 19.59
C ASN C 167 -31.84 -29.42 19.32
N VAL C 168 -32.29 -29.07 18.12
CA VAL C 168 -32.41 -27.67 17.67
C VAL C 168 -33.42 -26.82 18.48
N PHE C 169 -34.21 -27.49 19.32
CA PHE C 169 -35.16 -26.79 20.18
C PHE C 169 -34.82 -27.01 21.65
N SER C 170 -33.60 -27.46 21.92
CA SER C 170 -33.19 -27.84 23.27
C SER C 170 -32.26 -26.82 23.91
N ASP C 171 -32.42 -26.61 25.22
CA ASP C 171 -31.51 -25.72 25.95
C ASP C 171 -30.20 -26.44 26.30
N ARG C 172 -30.17 -27.75 26.13
CA ARG C 172 -28.96 -28.53 26.36
C ARG C 172 -28.02 -28.44 25.18
N PHE C 173 -28.58 -28.26 23.99
CA PHE C 173 -27.77 -28.27 22.77
C PHE C 173 -27.66 -26.89 22.11
N ALA C 174 -28.00 -25.86 22.89
CA ALA C 174 -27.82 -24.46 22.47
C ALA C 174 -28.55 -24.16 21.16
N GLY C 175 -29.82 -24.50 21.11
CA GLY C 175 -30.59 -24.33 19.89
C GLY C 175 -31.38 -23.03 19.88
N GLY C 176 -32.47 -23.05 19.12
CA GLY C 176 -33.31 -21.89 18.96
C GLY C 176 -33.19 -21.22 17.59
N ALA C 177 -34.19 -20.41 17.27
CA ALA C 177 -34.26 -19.74 15.98
C ALA C 177 -33.12 -18.74 15.78
N LEU C 178 -32.80 -17.96 16.81
CA LEU C 178 -31.70 -17.01 16.71
C LEU C 178 -30.38 -17.72 16.45
N MET C 179 -30.10 -18.74 17.25
CA MET C 179 -28.85 -19.48 17.11
C MET C 179 -28.76 -20.21 15.77
N ASP C 180 -29.87 -20.80 15.34
CA ASP C 180 -29.83 -21.65 14.14
C ASP C 180 -29.96 -20.88 12.82
N LEU C 181 -30.88 -19.91 12.78
CA LEU C 181 -31.15 -19.17 11.55
C LEU C 181 -30.87 -17.66 11.67
N GLY C 182 -31.13 -17.08 12.84
CA GLY C 182 -30.95 -15.66 13.04
C GLY C 182 -29.49 -15.27 12.81
N ILE C 183 -28.60 -16.24 12.94
CA ILE C 183 -27.20 -15.97 12.74
C ILE C 183 -26.92 -15.52 11.30
N TYR C 184 -27.74 -15.98 10.35
CA TYR C 184 -27.55 -15.57 8.95
C TYR C 184 -27.78 -14.05 8.73
N PRO C 185 -28.94 -13.51 9.12
CA PRO C 185 -29.05 -12.06 8.97
C PRO C 185 -28.08 -11.26 9.86
N LEU C 186 -27.67 -11.80 11.01
CA LEU C 186 -26.63 -11.15 11.82
C LEU C 186 -25.31 -11.09 11.04
N TYR C 187 -24.97 -12.19 10.37
CA TYR C 187 -23.74 -12.24 9.60
C TYR C 187 -23.79 -11.30 8.39
N ALA C 188 -24.98 -11.18 7.79
CA ALA C 188 -25.18 -10.26 6.67
C ALA C 188 -25.01 -8.83 7.12
N ALA C 189 -25.59 -8.50 8.26
CA ALA C 189 -25.48 -7.15 8.82
C ALA C 189 -24.03 -6.80 9.17
N VAL C 190 -23.33 -7.73 9.83
CA VAL C 190 -21.95 -7.49 10.18
C VAL C 190 -21.07 -7.36 8.93
N ARG C 191 -21.32 -8.20 7.93
CA ARG C 191 -20.56 -8.14 6.68
C ARG C 191 -20.69 -6.76 6.04
N LEU C 192 -21.90 -6.23 6.03
CA LEU C 192 -22.16 -4.96 5.32
C LEU C 192 -21.94 -3.70 6.17
N PHE C 193 -22.20 -3.79 7.46
CA PHE C 193 -22.27 -2.60 8.32
C PHE C 193 -21.30 -2.65 9.50
N GLY C 194 -20.67 -3.78 9.69
CA GLY C 194 -19.83 -3.99 10.87
C GLY C 194 -20.64 -4.22 12.12
N LYS C 195 -19.98 -4.08 13.28
CA LYS C 195 -20.61 -4.37 14.57
C LYS C 195 -21.51 -3.25 15.05
N ALA C 196 -22.76 -3.60 15.37
CA ALA C 196 -23.71 -2.66 15.96
C ALA C 196 -23.26 -2.26 17.36
N ASN C 197 -23.64 -1.07 17.80
CA ASN C 197 -23.33 -0.59 19.15
C ASN C 197 -24.14 -1.33 20.20
N ASP C 198 -25.34 -1.76 19.84
CA ASP C 198 -26.21 -2.43 20.79
C ASP C 198 -27.20 -3.28 20.01
N ALA C 199 -27.90 -4.18 20.70
CA ALA C 199 -28.86 -5.08 20.06
C ALA C 199 -29.93 -5.42 21.07
N THR C 200 -31.14 -5.67 20.59
CA THR C 200 -32.21 -6.15 21.45
C THR C 200 -32.95 -7.23 20.70
N TYR C 201 -33.71 -8.05 21.41
CA TYR C 201 -34.38 -9.19 20.79
C TYR C 201 -35.47 -9.68 21.72
N HIS C 202 -36.64 -9.96 21.15
CA HIS C 202 -37.77 -10.48 21.93
C HIS C 202 -38.36 -11.67 21.19
N ALA C 203 -38.63 -12.75 21.91
CA ALA C 203 -38.98 -14.01 21.24
C ALA C 203 -40.23 -14.67 21.80
N GLN C 204 -40.82 -15.53 21.00
CA GLN C 204 -41.83 -16.45 21.51
C GLN C 204 -41.06 -17.70 21.91
N GLN C 205 -41.22 -18.14 23.15
CA GLN C 205 -40.36 -19.19 23.67
C GLN C 205 -41.10 -20.42 24.17
N LEU C 206 -40.41 -21.55 24.09
CA LEU C 206 -40.82 -22.77 24.74
C LEU C 206 -40.59 -22.64 26.24
N ASP C 207 -41.10 -23.60 27.00
CA ASP C 207 -40.90 -23.60 28.45
C ASP C 207 -39.42 -23.67 28.88
N ASN C 208 -38.55 -24.18 28.01
CA ASN C 208 -37.13 -24.26 28.33
C ASN C 208 -36.36 -22.97 27.98
N SER C 209 -37.11 -21.96 27.56
CA SER C 209 -36.63 -20.61 27.19
C SER C 209 -36.14 -20.50 25.75
N ILE C 210 -36.06 -21.63 25.05
CA ILE C 210 -35.63 -21.65 23.64
C ILE C 210 -36.64 -20.93 22.74
N ASP C 211 -36.15 -20.13 21.79
CA ASP C 211 -37.01 -19.33 20.94
C ASP C 211 -37.46 -20.04 19.66
N LEU C 212 -38.77 -20.03 19.43
CA LEU C 212 -39.36 -20.55 18.20
C LEU C 212 -39.22 -19.53 17.08
N ASN C 213 -39.42 -18.26 17.43
CA ASN C 213 -39.24 -17.14 16.52
C ASN C 213 -39.04 -15.86 17.34
N GLY C 214 -38.60 -14.80 16.70
CA GLY C 214 -38.35 -13.56 17.43
C GLY C 214 -38.08 -12.39 16.50
N ASP C 215 -38.05 -11.18 17.07
CA ASP C 215 -37.72 -9.97 16.33
C ASP C 215 -36.76 -9.16 17.18
N GLY C 216 -35.69 -8.69 16.56
CA GLY C 216 -34.76 -7.83 17.24
C GLY C 216 -34.35 -6.64 16.40
N ILE C 217 -33.56 -5.77 17.00
CA ILE C 217 -33.02 -4.62 16.29
C ILE C 217 -31.51 -4.55 16.55
N LEU C 218 -30.74 -4.27 15.51
CA LEU C 218 -29.34 -3.91 15.67
C LEU C 218 -29.24 -2.39 15.61
N PHE C 219 -28.64 -1.76 16.61
CA PHE C 219 -28.55 -0.30 16.65
C PHE C 219 -27.16 0.22 16.22
N TYR C 220 -27.13 1.03 15.16
CA TYR C 220 -25.89 1.64 14.66
C TYR C 220 -25.92 3.15 14.95
N PRO C 221 -24.80 3.87 14.74
CA PRO C 221 -24.85 5.29 15.09
C PRO C 221 -25.96 6.09 14.38
N ASP C 222 -26.26 5.76 13.13
CA ASP C 222 -27.20 6.59 12.35
C ASP C 222 -28.42 5.85 11.81
N TYR C 223 -28.60 4.60 12.23
CA TYR C 223 -29.66 3.77 11.67
C TYR C 223 -29.77 2.48 12.45
N GLN C 224 -30.83 1.73 12.19
CA GLN C 224 -31.05 0.45 12.85
C GLN C 224 -31.42 -0.59 11.82
N VAL C 225 -31.24 -1.84 12.18
CA VAL C 225 -31.47 -2.94 11.26
C VAL C 225 -32.38 -3.91 11.98
N HIS C 226 -33.58 -4.11 11.44
CA HIS C 226 -34.49 -5.09 12.01
C HIS C 226 -34.06 -6.52 11.62
N ILE C 227 -34.08 -7.43 12.59
CA ILE C 227 -33.76 -8.85 12.38
C ILE C 227 -34.95 -9.71 12.79
N LYS C 228 -35.38 -10.61 11.90
CA LYS C 228 -36.37 -11.62 12.26
C LYS C 228 -35.79 -13.02 12.05
N ALA C 229 -36.02 -13.89 13.03
CA ALA C 229 -35.61 -15.31 12.94
C ALA C 229 -36.81 -16.15 13.30
N GLY C 230 -36.97 -17.29 12.65
CA GLY C 230 -38.10 -18.16 12.99
C GLY C 230 -37.95 -19.59 12.53
N LYS C 231 -38.49 -20.52 13.32
CA LYS C 231 -38.42 -21.94 12.97
C LYS C 231 -39.77 -22.64 13.01
N ASN C 232 -40.77 -21.99 13.60
CA ASN C 232 -42.13 -22.53 13.58
C ASN C 232 -43.00 -21.74 12.60
N ILE C 233 -42.35 -20.87 11.83
CA ILE C 233 -43.02 -20.03 10.85
C ILE C 233 -42.16 -19.96 9.60
N THR C 234 -42.79 -19.61 8.48
CA THR C 234 -42.09 -19.40 7.22
C THR C 234 -42.33 -17.98 6.71
N SER C 235 -41.26 -17.21 6.53
CA SER C 235 -41.33 -15.87 5.90
C SER C 235 -40.69 -15.91 4.53
N ASN C 236 -41.28 -15.16 3.60
CA ASN C 236 -40.74 -15.00 2.26
C ASN C 236 -40.41 -13.54 1.98
N LEU C 237 -40.33 -12.76 3.05
CA LEU C 237 -40.06 -11.33 2.96
C LEU C 237 -38.69 -11.12 2.32
N PRO C 238 -38.61 -10.22 1.33
CA PRO C 238 -37.28 -9.83 0.86
C PRO C 238 -36.54 -9.07 1.97
N CYS C 239 -35.26 -8.82 1.75
CA CYS C 239 -34.45 -8.12 2.72
C CYS C 239 -34.10 -6.77 2.10
N GLU C 240 -34.30 -5.69 2.84
CA GLU C 240 -34.13 -4.37 2.27
C GLU C 240 -33.00 -3.62 2.96
N ILE C 241 -32.26 -2.84 2.17
CA ILE C 241 -31.34 -1.87 2.71
C ILE C 241 -31.75 -0.49 2.20
N TYR C 242 -32.08 0.40 3.13
CA TYR C 242 -32.51 1.76 2.79
C TYR C 242 -31.32 2.71 2.69
N THR C 243 -31.29 3.54 1.64
CA THR C 243 -30.26 4.56 1.49
C THR C 243 -30.94 5.92 1.31
N THR C 244 -30.17 7.00 1.37
CA THR C 244 -30.80 8.32 1.25
C THR C 244 -31.47 8.52 -0.10
N ASP C 245 -31.01 7.76 -1.10
CA ASP C 245 -31.50 7.92 -2.46
C ASP C 245 -32.41 6.80 -2.97
N GLY C 246 -32.64 5.77 -2.14
CA GLY C 246 -33.54 4.69 -2.55
C GLY C 246 -33.51 3.45 -1.66
N THR C 247 -33.90 2.32 -2.25
CA THR C 247 -34.00 1.07 -1.51
C THR C 247 -33.35 -0.08 -2.29
N LEU C 248 -32.38 -0.75 -1.68
CA LEU C 248 -31.78 -1.95 -2.28
C LEU C 248 -32.52 -3.19 -1.78
N THR C 249 -33.04 -3.97 -2.71
CA THR C 249 -33.84 -5.14 -2.36
C THR C 249 -33.12 -6.43 -2.72
N LEU C 250 -32.87 -7.25 -1.71
CA LEU C 250 -32.25 -8.57 -1.89
C LEU C 250 -33.34 -9.60 -1.74
N ASN C 251 -33.31 -10.66 -2.54
CA ASN C 251 -34.37 -11.67 -2.42
C ASN C 251 -34.26 -12.40 -1.06
N THR C 252 -33.03 -12.59 -0.60
CA THR C 252 -32.74 -13.17 0.71
C THR C 252 -31.40 -12.61 1.15
N ILE C 253 -30.90 -13.04 2.32
CA ILE C 253 -29.52 -12.71 2.70
C ILE C 253 -28.64 -13.96 2.79
N GLU C 254 -29.11 -15.05 2.19
CA GLU C 254 -28.38 -16.33 2.13
C GLU C 254 -28.64 -16.97 0.76
N HIS C 255 -27.57 -17.46 0.14
CA HIS C 255 -27.63 -17.97 -1.23
C HIS C 255 -28.34 -16.94 -2.10
N ILE C 256 -27.88 -15.69 -2.01
CA ILE C 256 -28.56 -14.55 -2.64
C ILE C 256 -28.62 -14.74 -4.14
N ARG C 257 -29.80 -14.50 -4.71
CA ARG C 257 -30.03 -14.68 -6.14
C ARG C 257 -30.11 -13.34 -6.88
N SER C 258 -30.74 -12.35 -6.25
CA SER C 258 -30.95 -11.08 -6.94
C SER C 258 -30.85 -9.90 -6.00
N ALA C 259 -30.33 -8.79 -6.52
CA ALA C 259 -30.24 -7.53 -5.77
C ALA C 259 -30.58 -6.41 -6.72
N ILE C 260 -31.66 -5.68 -6.44
CA ILE C 260 -32.10 -4.60 -7.32
C ILE C 260 -32.25 -3.30 -6.54
N PHE C 261 -31.66 -2.22 -7.04
CA PHE C 261 -31.81 -0.91 -6.41
C PHE C 261 -32.90 -0.09 -7.10
N THR C 262 -33.82 0.46 -6.31
CA THR C 262 -34.90 1.30 -6.83
C THR C 262 -34.83 2.68 -6.19
N ASP C 263 -34.64 3.73 -7.00
CA ASP C 263 -34.56 5.07 -6.41
C ASP C 263 -35.94 5.63 -6.09
N HIS C 264 -35.99 6.85 -5.60
CA HIS C 264 -37.25 7.43 -5.16
C HIS C 264 -38.13 7.90 -6.31
N GLN C 265 -37.60 7.82 -7.53
CA GLN C 265 -38.36 8.16 -8.72
C GLN C 265 -38.65 6.91 -9.55
N GLY C 266 -38.51 5.74 -8.93
CA GLY C 266 -38.89 4.49 -9.56
C GLY C 266 -37.86 3.87 -10.50
N ASN C 267 -36.79 4.61 -10.79
CA ASN C 267 -35.71 4.09 -11.62
C ASN C 267 -34.97 2.92 -10.94
N GLN C 268 -34.70 1.86 -11.69
CA GLN C 268 -34.12 0.65 -11.14
C GLN C 268 -32.76 0.29 -11.71
N VAL C 269 -31.90 -0.28 -10.87
CA VAL C 269 -30.60 -0.81 -11.28
C VAL C 269 -30.46 -2.24 -10.78
N GLN C 270 -30.09 -3.14 -11.69
CA GLN C 270 -29.89 -4.55 -11.35
C GLN C 270 -28.43 -4.80 -11.05
N LEU C 271 -28.12 -5.19 -9.81
CA LEU C 271 -26.76 -5.56 -9.45
C LEU C 271 -26.42 -6.89 -10.10
N PRO C 272 -25.15 -7.04 -10.52
CA PRO C 272 -24.71 -8.28 -11.18
C PRO C 272 -24.48 -9.37 -10.15
N ILE C 273 -25.52 -10.16 -9.90
CA ILE C 273 -25.43 -11.23 -8.93
C ILE C 273 -25.50 -12.56 -9.67
N GLN C 274 -24.54 -13.45 -9.42
CA GLN C 274 -24.61 -14.81 -9.95
C GLN C 274 -24.49 -15.84 -8.84
N GLN C 275 -25.65 -16.34 -8.43
CA GLN C 275 -25.78 -17.32 -7.38
C GLN C 275 -24.94 -18.55 -7.71
N ALA C 276 -24.18 -19.03 -6.73
CA ALA C 276 -23.40 -20.27 -6.89
C ALA C 276 -24.33 -21.48 -7.04
N PRO C 277 -23.84 -22.56 -7.65
CA PRO C 277 -24.69 -23.75 -7.83
C PRO C 277 -25.11 -24.38 -6.49
N HIS C 278 -24.28 -24.21 -5.47
CA HIS C 278 -24.61 -24.72 -4.14
C HIS C 278 -24.34 -23.70 -3.04
N THR C 279 -24.91 -23.93 -1.86
CA THR C 279 -24.90 -22.93 -0.80
C THR C 279 -23.53 -22.78 -0.16
N MET C 280 -22.70 -23.81 -0.29
CA MET C 280 -21.42 -23.85 0.40
C MET C 280 -20.24 -23.70 -0.56
N THR C 281 -20.55 -23.63 -1.85
CA THR C 281 -19.54 -23.50 -2.89
C THR C 281 -18.51 -22.43 -2.55
N GLU C 282 -18.99 -21.24 -2.21
CA GLU C 282 -18.10 -20.10 -2.03
C GLU C 282 -17.25 -20.17 -0.77
N GLU C 283 -17.85 -20.54 0.35
CA GLU C 283 -17.08 -20.64 1.60
C GLU C 283 -16.04 -21.76 1.50
N VAL C 284 -16.37 -22.80 0.74
CA VAL C 284 -15.47 -23.94 0.59
C VAL C 284 -14.24 -23.52 -0.19
N ALA C 285 -14.44 -22.73 -1.25
CA ALA C 285 -13.33 -22.24 -2.04
C ALA C 285 -12.52 -21.23 -1.24
N ALA C 286 -13.20 -20.40 -0.45
CA ALA C 286 -12.50 -19.37 0.32
C ALA C 286 -11.61 -19.99 1.39
N PHE C 287 -12.11 -20.97 2.12
CA PHE C 287 -11.32 -21.62 3.17
C PHE C 287 -10.10 -22.33 2.59
N ALA C 288 -10.24 -22.98 1.43
CA ALA C 288 -9.11 -23.68 0.85
C ALA C 288 -8.06 -22.69 0.34
N HIS C 289 -8.52 -21.57 -0.22
CA HIS C 289 -7.61 -20.56 -0.74
C HIS C 289 -6.80 -19.91 0.38
N MET C 290 -7.47 -19.66 1.51
CA MET C 290 -6.82 -19.10 2.70
C MET C 290 -5.69 -20.02 3.21
N ILE C 291 -5.97 -21.31 3.32
CA ILE C 291 -4.94 -22.24 3.75
C ILE C 291 -3.78 -22.30 2.75
N GLN C 292 -4.10 -22.37 1.46
CA GLN C 292 -3.08 -22.50 0.43
C GLN C 292 -2.26 -21.23 0.15
N GLN C 293 -2.92 -20.08 0.22
CA GLN C 293 -2.28 -18.79 0.00
C GLN C 293 -2.82 -17.80 1.00
N PRO C 294 -2.27 -17.81 2.21
CA PRO C 294 -2.82 -17.02 3.31
C PRO C 294 -2.73 -15.52 3.10
N ASP C 295 -3.84 -14.85 3.34
CA ASP C 295 -3.93 -13.40 3.45
C ASP C 295 -4.35 -13.20 4.91
N LEU C 296 -3.38 -12.99 5.79
CA LEU C 296 -3.63 -12.96 7.23
C LEU C 296 -4.56 -11.83 7.68
N ASN C 297 -4.37 -10.63 7.12
CA ASN C 297 -5.24 -9.50 7.51
C ASN C 297 -6.70 -9.81 7.16
N LEU C 298 -6.92 -10.54 6.06
CA LEU C 298 -8.24 -11.05 5.69
C LEU C 298 -8.73 -12.11 6.69
N TYR C 299 -7.86 -13.07 7.01
CA TYR C 299 -8.17 -14.07 8.04
C TYR C 299 -8.62 -13.39 9.33
N GLN C 300 -7.83 -12.42 9.80
CA GLN C 300 -8.14 -11.70 11.02
C GLN C 300 -9.48 -10.97 10.93
N THR C 301 -9.85 -10.53 9.73
CA THR C 301 -11.17 -9.91 9.56
C THR C 301 -12.28 -10.94 9.72
N TRP C 302 -12.08 -12.15 9.20
CA TRP C 302 -13.06 -13.23 9.40
C TRP C 302 -13.21 -13.53 10.89
N LEU C 303 -12.07 -13.60 11.58
CA LEU C 303 -12.06 -13.80 13.03
C LEU C 303 -12.78 -12.67 13.78
N TYR C 304 -12.53 -11.44 13.36
CA TYR C 304 -13.06 -10.27 14.03
C TYR C 304 -14.57 -10.21 13.85
N ASP C 305 -15.01 -10.37 12.60
CA ASP C 305 -16.44 -10.32 12.28
C ASP C 305 -17.22 -11.44 12.98
N ALA C 306 -16.62 -12.62 13.08
CA ALA C 306 -17.24 -13.70 13.84
C ALA C 306 -17.44 -13.31 15.31
N GLY C 307 -16.42 -12.72 15.92
CA GLY C 307 -16.52 -12.22 17.28
C GLY C 307 -17.66 -11.21 17.42
N SER C 308 -17.77 -10.31 16.45
CA SER C 308 -18.87 -9.33 16.48
C SER C 308 -20.24 -10.01 16.46
N VAL C 309 -20.41 -10.96 15.54
CA VAL C 309 -21.67 -11.72 15.43
C VAL C 309 -22.04 -12.40 16.74
N HIS C 310 -21.08 -13.07 17.36
CA HIS C 310 -21.37 -13.80 18.60
C HIS C 310 -21.59 -12.88 19.80
N GLU C 311 -20.98 -11.70 19.80
CA GLU C 311 -21.31 -10.72 20.83
C GLU C 311 -22.76 -10.25 20.71
N LEU C 312 -23.19 -9.93 19.49
CA LEU C 312 -24.56 -9.50 19.26
C LEU C 312 -25.55 -10.63 19.56
N LEU C 313 -25.23 -11.83 19.10
CA LEU C 313 -26.03 -13.01 19.40
C LEU C 313 -26.26 -13.15 20.90
N TYR C 314 -25.18 -13.10 21.66
CA TYR C 314 -25.28 -13.28 23.10
C TYR C 314 -26.09 -12.16 23.78
N THR C 315 -25.87 -10.92 23.36
CA THR C 315 -26.61 -9.78 23.91
C THR C 315 -28.11 -9.97 23.67
N MET C 316 -28.42 -10.46 22.48
CA MET C 316 -29.79 -10.72 22.06
C MET C 316 -30.45 -11.83 22.87
N ARG C 317 -29.71 -12.92 23.10
CA ARG C 317 -30.23 -13.97 23.97
C ARG C 317 -30.51 -13.44 25.35
N GLN C 318 -29.64 -12.57 25.84
CA GLN C 318 -29.81 -12.03 27.19
C GLN C 318 -31.05 -11.14 27.33
N THR C 319 -31.32 -10.32 26.32
CA THR C 319 -32.51 -9.46 26.38
C THR C 319 -33.76 -10.29 26.25
N ALA C 320 -33.68 -11.37 25.47
CA ALA C 320 -34.86 -12.21 25.24
C ALA C 320 -35.08 -13.22 26.35
N GLY C 321 -34.07 -13.42 27.20
CA GLY C 321 -34.15 -14.44 28.23
C GLY C 321 -34.00 -15.86 27.72
N ILE C 322 -33.23 -16.03 26.65
CA ILE C 322 -32.91 -17.36 26.12
C ILE C 322 -31.69 -17.92 26.85
N ARG C 323 -31.89 -18.94 27.66
CA ARG C 323 -30.81 -19.46 28.51
C ARG C 323 -30.55 -20.93 28.28
N PHE C 324 -29.28 -21.27 28.04
CA PHE C 324 -28.92 -22.67 27.84
C PHE C 324 -28.72 -23.37 29.18
N GLU C 325 -28.74 -24.70 29.15
CA GLU C 325 -28.68 -25.50 30.36
C GLU C 325 -27.47 -25.12 31.22
N ALA C 326 -26.31 -24.97 30.56
CA ALA C 326 -25.08 -24.63 31.28
C ALA C 326 -25.08 -23.21 31.84
N GLU C 327 -26.07 -22.41 31.50
CA GLU C 327 -26.14 -21.02 31.97
C GLU C 327 -27.15 -20.83 33.11
N LYS C 328 -27.83 -21.90 33.49
CA LYS C 328 -28.86 -21.82 34.54
C LYS C 328 -28.33 -22.37 35.85
PA NAP D . 10.71 11.48 -34.10
O1A NAP D . 9.74 12.59 -34.31
O2A NAP D . 10.02 10.19 -33.86
O5B NAP D . 11.61 11.32 -35.34
C5B NAP D . 12.48 12.37 -35.75
C4B NAP D . 12.79 12.44 -37.18
O4B NAP D . 13.23 11.19 -37.62
C3B NAP D . 11.54 12.74 -37.94
O3B NAP D . 11.45 14.07 -38.17
C2B NAP D . 11.69 11.97 -39.19
O2B NAP D . 12.36 12.70 -40.13
C1B NAP D . 12.44 10.80 -38.81
N9A NAP D . 11.63 9.60 -38.63
C8A NAP D . 10.42 9.54 -38.04
N7A NAP D . 9.95 8.28 -38.08
C5A NAP D . 10.86 7.52 -38.72
C6A NAP D . 10.94 6.15 -39.07
N6A NAP D . 9.86 5.26 -38.72
N1A NAP D . 12.02 5.69 -39.72
C2A NAP D . 13.02 6.52 -40.05
N3A NAP D . 12.99 7.82 -39.74
C4A NAP D . 11.93 8.36 -39.07
O3 NAP D . 11.65 11.77 -32.87
PN NAP D . 11.79 13.19 -32.21
O1N NAP D . 11.75 14.33 -33.24
O2N NAP D . 10.71 13.38 -31.17
O5D NAP D . 13.19 13.20 -31.50
C5D NAP D . 14.28 12.71 -32.20
C4D NAP D . 15.52 12.47 -31.41
O4D NAP D . 15.88 13.66 -30.79
C3D NAP D . 15.22 11.49 -30.34
O3D NAP D . 16.36 10.66 -30.18
C2D NAP D . 15.01 12.25 -29.14
O2D NAP D . 15.41 11.52 -28.02
C1D NAP D . 15.89 13.41 -29.36
N1N NAP D . 15.60 14.59 -28.53
C2N NAP D . 16.46 15.48 -27.75
C3N NAP D . 15.87 16.73 -27.20
C7N NAP D . 16.76 17.54 -26.33
O7N NAP D . 16.31 18.42 -25.60
N7N NAP D . 18.17 17.26 -26.35
C4N NAP D . 14.39 16.99 -27.33
C5N NAP D . 13.59 16.05 -28.17
C6N NAP D . 14.20 14.78 -28.60
P2B NAP D . 12.04 12.58 -41.64
O1X NAP D . 12.67 13.78 -42.33
O2X NAP D . 12.58 11.29 -42.19
O3X NAP D . 10.57 12.57 -41.86
C FMT E . 13.98 14.88 -24.55
O1 FMT E . 13.12 15.66 -24.12
O2 FMT E . 15.18 15.16 -24.61
C FMT F . -2.09 8.01 -18.83
O1 FMT F . -3.27 8.42 -18.99
O2 FMT F . -1.71 6.84 -18.66
C FMT G . 32.63 17.74 -18.02
O1 FMT G . 33.28 16.73 -17.70
O2 FMT G . 32.82 18.42 -19.04
PA NAP H . 12.82 7.23 23.68
O1A NAP H . 13.40 8.56 24.05
O2A NAP H . 13.86 6.31 23.20
O5B NAP H . 12.11 6.61 24.91
C5B NAP H . 10.96 7.24 25.49
C4B NAP H . 10.72 6.95 26.91
O4B NAP H . 10.73 5.58 27.09
C3B NAP H . 11.81 7.51 27.74
O3B NAP H . 11.51 8.76 28.20
C2B NAP H . 11.96 6.53 28.84
O2B NAP H . 11.09 6.79 29.87
C1B NAP H . 11.63 5.26 28.22
N9A NAP H . 12.81 4.47 27.88
C8A NAP H . 13.95 4.93 27.31
N7A NAP H . 14.82 3.91 27.16
C5A NAP H . 14.23 2.79 27.65
C6A NAP H . 14.63 1.46 27.77
N6A NAP H . 15.93 1.06 27.32
N1A NAP H . 13.78 0.54 28.30
C2A NAP H . 12.56 0.91 28.73
N3A NAP H . 12.14 2.19 28.62
C4A NAP H . 12.95 3.14 28.09
O3 NAP H . 11.77 7.39 22.55
PN NAP H . 11.12 8.75 22.10
O1N NAP H . 12.06 9.54 21.20
O2N NAP H . 10.72 9.64 23.27
O5D NAP H . 9.84 8.32 21.31
C5D NAP H . 9.02 7.38 21.91
C4D NAP H . 7.89 6.84 21.10
O4D NAP H . 7.11 7.91 20.68
C3D NAP H . 8.45 6.17 19.90
O3D NAP H . 7.70 4.99 19.67
C2D NAP H . 8.32 7.14 18.83
O2D NAP H . 8.13 6.55 17.58
C1D NAP H . 7.11 7.87 19.23
N1N NAP H . 6.93 9.16 18.56
C2N NAP H . 5.87 9.70 17.72
C3N NAP H . 5.82 11.18 17.58
C7N NAP H . 4.61 11.68 16.85
O7N NAP H . 4.65 12.77 16.28
N7N NAP H . 3.44 10.86 16.87
C4N NAP H . 7.08 11.97 17.73
C5N NAP H . 8.18 11.34 18.50
C6N NAP H . 8.10 9.91 18.86
P2B NAP H . 11.42 6.44 31.34
O1X NAP H . 12.83 6.90 31.67
O2X NAP H . 10.39 7.17 32.19
O3X NAP H . 11.32 4.96 31.60
C FMT I . 7.93 10.69 14.50
O1 FMT I . 8.45 11.75 14.85
O2 FMT I . 6.84 10.28 14.90
C FMT J . 18.21 8.56 0.16
O1 FMT J . 17.32 7.74 0.49
O2 FMT J . 18.35 9.13 -0.95
C FMT K . 3.20 -12.50 8.98
O1 FMT K . 2.74 -11.57 8.33
O2 FMT K . 2.90 -12.75 10.16
C FMT L . -17.37 -4.90 8.77
O1 FMT L . -17.21 -6.11 8.53
O2 FMT L . -16.51 -4.00 8.70
C1 GOL M . -14.66 -2.71 20.23
O1 GOL M . -14.88 -3.86 19.46
C2 GOL M . -15.42 -2.83 21.55
O2 GOL M . -15.29 -4.15 22.03
C3 GOL M . -14.81 -1.88 22.57
O3 GOL M . -15.82 -1.49 23.48
PA NAP N . -27.79 -32.67 14.72
O1A NAP N . -28.67 -33.55 13.88
O2A NAP N . -28.42 -32.39 16.03
O5B NAP N . -26.43 -33.37 15.01
C5B NAP N . -25.51 -33.68 13.96
C4B NAP N . -24.65 -34.86 14.20
O4B NAP N . -24.09 -34.71 15.47
C3B NAP N . -25.48 -36.09 14.27
O3B NAP N . -25.58 -36.70 13.06
C2B NAP N . -24.75 -36.95 15.25
O2B NAP N . -23.72 -37.66 14.68
C1B NAP N . -24.28 -35.97 16.20
N9A NAP N . -25.13 -35.92 17.39
C8A NAP N . -26.47 -35.96 17.47
N7A NAP N . -26.85 -35.95 18.76
C5A NAP N . -25.72 -35.93 19.52
C6A NAP N . -25.45 -35.91 20.90
N6A NAP N . -26.51 -35.93 21.85
N1A NAP N . -24.17 -35.89 21.33
C2A NAP N . -23.15 -35.88 20.45
N3A NAP N . -23.37 -35.90 19.14
C4A NAP N . -24.64 -35.92 18.64
O3 NAP N . -27.52 -31.30 14.01
PN NAP N . -27.69 -31.00 12.48
O1N NAP N . -29.12 -30.57 12.14
O2N NAP N . -27.31 -32.21 11.65
O5D NAP N . -26.72 -29.81 12.18
C5D NAP N . -25.47 -29.82 12.77
C4D NAP N . -24.69 -28.56 12.72
O4D NAP N . -24.62 -28.13 11.41
C3D NAP N . -25.40 -27.52 13.49
O3D NAP N . -24.42 -26.81 14.22
C2D NAP N . -26.08 -26.68 12.52
O2D NAP N . -26.20 -25.34 12.92
C1D NAP N . -25.21 -26.80 11.35
N1N NAP N . -25.81 -26.45 10.07
C2N NAP N . -25.50 -25.43 9.06
C3N NAP N . -26.09 -25.60 7.71
C7N NAP N . -25.57 -24.67 6.67
O7N NAP N . -26.22 -24.41 5.66
N7N NAP N . -24.29 -24.08 6.89
C4N NAP N . -27.41 -26.31 7.58
C5N NAP N . -27.70 -27.32 8.64
C6N NAP N . -26.90 -27.34 9.88
P2B NAP N . -23.26 -39.06 15.21
O1X NAP N . -22.46 -39.70 14.10
O2X NAP N . -22.42 -38.95 16.46
O3X NAP N . -24.44 -39.91 15.56
C FMT O . -29.15 -23.87 9.07
O1 FMT O . -29.96 -24.10 8.17
O2 FMT O . -28.04 -23.38 8.86
C FMT P . -22.32 -17.07 20.77
O1 FMT P . -22.24 -15.98 21.37
O2 FMT P . -23.06 -17.34 19.82
C FMT Q . -33.14 11.60 -3.02
O1 FMT Q . -34.02 10.78 -3.31
O2 FMT Q . -31.93 11.35 -2.97
C FMT R . -14.96 -11.00 3.60
O1 FMT R . -14.32 -11.77 2.87
O2 FMT R . -14.56 -9.91 4.04
C FMT S . -28.14 -27.88 17.75
O1 FMT S . -27.04 -27.75 18.29
O2 FMT S . -29.20 -27.66 18.33
C FMT T . -33.92 -27.71 11.30
O1 FMT T . -34.86 -27.24 11.96
O2 FMT T . -32.96 -28.26 11.81
C1 GOL U . -8.15 -6.86 12.53
O1 GOL U . -6.88 -7.47 12.35
C2 GOL U . -9.00 -7.08 11.29
O2 GOL U . -8.28 -6.64 10.15
C3 GOL U . -10.27 -6.23 11.43
O3 GOL U . -11.10 -6.42 10.30
C1 GOL V . -2.35 -20.38 10.63
O1 GOL V . -1.65 -21.30 9.83
C2 GOL V . -1.44 -19.21 10.94
O2 GOL V . -0.51 -19.59 11.93
C3 GOL V . -2.28 -18.05 11.46
O3 GOL V . -1.44 -16.97 11.75
C ACT W . -13.40 -4.55 6.84
O ACT W . -12.95 -5.12 5.82
OXT ACT W . -14.61 -4.76 7.12
CH3 ACT W . -12.54 -3.65 7.69
#